data_7U0J
#
_entry.id   7U0J
#
_cell.length_a   1.00
_cell.length_b   1.00
_cell.length_c   1.00
_cell.angle_alpha   90.00
_cell.angle_beta   90.00
_cell.angle_gamma   90.00
#
_symmetry.space_group_name_H-M   'P 1'
#
loop_
_entity.id
_entity.type
_entity.pdbx_description
1 polymer 'Histone H3.1'
2 polymer 'Histone H4'
3 polymer 'Histone H2A type 2-C'
4 polymer 'Histone H2B type 2-E'
5 polymer 'DNA (162-MER)'
6 polymer 'DNA (162-MER)'
7 polymer 'Single-chain variable fragment'
#
loop_
_entity_poly.entity_id
_entity_poly.type
_entity_poly.pdbx_seq_one_letter_code
_entity_poly.pdbx_strand_id
1 'polypeptide(L)'
;MARTKQTARKSTGGKAPRKQLATKAARKSAPATGGVKKPHRYRPGTVALREIRRYQKSTELLIRKLPFQRLVREIAQDFK
TDLRFQSSAVMALQEACEAYLVGLFEDTNLCAIHAKRVTIMPKDIQLARRIRGERA
;
A,E
2 'polypeptide(L)'
;MSGRGKGGKGLGKGGAKRHRKVLRDNIQGITKPAIRRLARRGGVKRISGLIYEETRGVLKVFLENVIRDAVTYTEHAKRK
TVTAMDVVYALKRQGRTLYGFGG
;
B,F
3 'polypeptide(L)'
;MSGRGKQGGKARAKAKSRSSRAGLQFPVGRVHRLLRKGNYAERVGAGAPVYMAAVLEYLTAEILELAGNAARDNKKTRII
PRHLQLAIRNDEELNKLLGKVTIAQGGVLPNIQAVLLPKKTESHKAKSK
;
C,G
4 'polypeptide(L)'
;MPEPAKSAPAPKKGSKKAVTKAQKKDGKKRKRSRKESYSIYVYKVLKQVHPDTGISSKAMGIMNSFVNDIFERIAGEASR
LAHYNKRSTITSREIQTAVRLLLPGELAKHAVSEGTKAVTKYTSSK
;
D,H
5 'polydeoxyribonucleotide'
;(DA)(DG)(DT)(DG)(DG)(DT)(DA)(DT)(DT)(DA)(DA)(DC)(DA)(DT)(DA)(DT)(DC)(DC)(DT)(DC)
(DA)(DG)(DT)(DG)(DG)(DT)(DG)(DA)(DG)(DT)(DA)(DT)(DT)(DA)(DA)(DC)(DA)(DT)(DG)(DG)
(DA)(DA)(DC)(DT)(DT)(DA)(DC)(DT)(DC)(DC)(DA)(DA)(DC)(DA)(DA)(DT)(DA)(DC)(DA)(DG)
(DA)(DT)(DG)(DC)(DT)(DG)(DA)(DA)(DT)(DA)(DA)(DA)(DT)(DG)(DT)(DA)(DG)(DT)(DC)(DT)
(DA)(DA)(DG)(DT)(DG)(DA)(DA)(DG)(DG)(DA)(DA)(DG)(DA)(DA)(DG)(DG)(DA)(DA)(DA)(DG)
(DG)(DT)(DG)(DG)(DG)(DA)(DG)(DC)(DT)(DG)(DC)(DC)(DA)(DT)(DC)(DA)(DC)(DT)(DC)(DA)
(DG)(DA)(DA)(DT)(DT)(DG)(DT)(DC)(DC)(DA)(DG)(DC)(DA)(DG)(DG)(DG)(DA)(DT)(DT)(DG)
(DT)(DG)(DC)(DA)(DA)(DG)(DC)(DT)(DT)(DG)(DT)(DG)(DA)(DA)(DT)(DA)(DA)(DA)(DG)(DA)
(DC)(DA)
;
I
6 'polydeoxyribonucleotide'
;(DT)(DG)(DT)(DC)(DT)(DT)(DT)(DA)(DT)(DT)(DC)(DA)(DC)(DA)(DA)(DG)(DC)(DT)(DT)(DG)
(DC)(DA)(DC)(DA)(DA)(DT)(DC)(DC)(DC)(DT)(DG)(DC)(DT)(DG)(DG)(DA)(DC)(DA)(DA)(DT)
(DT)(DC)(DT)(DG)(DA)(DG)(DT)(DG)(DA)(DT)(DG)(DG)(DC)(DA)(DG)(DC)(DT)(DC)(DC)(DC)
(DA)(DC)(DC)(DT)(DT)(DT)(DC)(DC)(DT)(DT)(DC)(DT)(DT)(DC)(DC)(DT)(DT)(DC)(DA)(DC)
(DT)(DT)(DA)(DG)(DA)(DC)(DT)(DA)(DC)(DA)(DT)(DT)(DT)(DA)(DT)(DT)(DC)(DA)(DG)(DC)
(DA)(DT)(DC)(DT)(DG)(DT)(DA)(DT)(DT)(DG)(DT)(DT)(DG)(DG)(DA)(DG)(DT)(DA)(DA)(DG)
(DT)(DT)(DC)(DC)(DA)(DT)(DG)(DT)(DT)(DA)(DA)(DT)(DA)(DC)(DT)(DC)(DA)(DC)(DC)(DA)
(DC)(DT)(DG)(DA)(DG)(DG)(DA)(DT)(DA)(DT)(DG)(DT)(DT)(DA)(DA)(DT)(DA)(DC)(DC)(DA)
(DC)(DT)
;
J
7 'polypeptide(L)'
;MKSSHHHHHHENLYFQSNAMEVQLQQSGPELVEPGTSVKMPCKASGYTFTSYTIQWVKQTPRQGLEWIGYIYPYNAGTKY
NEKFKGKATLTSDKSSSTVYMELSSLTSEDSAVYYCARKSSRLRSTLDYWGQGTSVTVSSGGGGSGGGGSGGGGSMDIKM
TQSPSSMHASLGERVTITCKASQDIRSYLSWYQQKPWKSPKTLIYYATSLADGVPSRFSGSGSGQDFSLTINNLESDDTA
TYYCLQHGESPYTFGSGTKLEIKRA
;
K,N
#
# COMPACT_ATOMS: atom_id res chain seq x y z
N PRO A 39 -23.96 19.83 -43.62
CA PRO A 39 -24.30 18.74 -42.69
C PRO A 39 -24.35 19.22 -41.24
N HIS A 40 -24.41 18.27 -40.31
CA HIS A 40 -24.40 18.56 -38.88
C HIS A 40 -23.09 18.10 -38.29
N ARG A 41 -22.50 18.92 -37.43
CA ARG A 41 -21.22 18.56 -36.81
C ARG A 41 -21.09 19.12 -35.41
N TYR A 42 -20.84 18.23 -34.45
CA TYR A 42 -20.67 18.63 -33.07
C TYR A 42 -19.33 19.31 -32.88
N ARG A 43 -19.31 20.34 -32.04
CA ARG A 43 -18.07 21.00 -31.67
C ARG A 43 -17.23 20.07 -30.81
N PRO A 44 -15.89 20.20 -30.86
CA PRO A 44 -15.03 19.31 -30.06
C PRO A 44 -15.26 19.44 -28.57
N GLY A 45 -15.25 18.30 -27.88
CA GLY A 45 -15.52 18.23 -26.47
C GLY A 45 -16.93 17.79 -26.14
N THR A 46 -17.86 17.88 -27.09
CA THR A 46 -19.23 17.46 -26.84
C THR A 46 -19.37 15.95 -26.90
N VAL A 47 -18.89 15.35 -28.01
CA VAL A 47 -18.89 13.90 -28.15
C VAL A 47 -17.93 13.26 -27.15
N ALA A 48 -16.87 13.98 -26.76
CA ALA A 48 -15.97 13.48 -25.72
C ALA A 48 -16.68 13.37 -24.37
N LEU A 49 -17.48 14.38 -24.01
CA LEU A 49 -18.23 14.32 -22.76
C LEU A 49 -19.33 13.27 -22.82
N ARG A 50 -19.93 13.10 -24.00
CA ARG A 50 -20.90 12.02 -24.20
C ARG A 50 -20.27 10.65 -24.04
N GLU A 51 -19.04 10.48 -24.55
CA GLU A 51 -18.31 9.23 -24.39
C GLU A 51 -17.92 9.00 -22.93
N ILE A 52 -17.58 10.07 -22.21
CA ILE A 52 -17.27 9.94 -20.78
C ILE A 52 -18.48 9.46 -20.01
N ARG A 53 -19.65 10.05 -20.29
CA ARG A 53 -20.89 9.63 -19.63
C ARG A 53 -21.27 8.19 -19.99
N ARG A 54 -21.09 7.83 -21.27
CA ARG A 54 -21.47 6.50 -21.73
C ARG A 54 -20.57 5.41 -21.14
N TYR A 55 -19.26 5.63 -21.15
CA TYR A 55 -18.34 4.62 -20.64
C TYR A 55 -18.19 4.68 -19.13
N GLN A 56 -18.70 5.70 -18.46
CA GLN A 56 -18.80 5.65 -17.02
C GLN A 56 -20.13 5.05 -16.55
N LYS A 57 -21.15 5.05 -17.41
CA LYS A 57 -22.41 4.40 -17.08
C LYS A 57 -22.35 2.88 -17.20
N SER A 58 -21.54 2.35 -18.11
CA SER A 58 -21.53 0.92 -18.39
C SER A 58 -20.41 0.23 -17.60
N THR A 59 -20.43 -1.11 -17.64
CA THR A 59 -19.45 -1.91 -16.94
C THR A 59 -18.70 -2.91 -17.81
N GLU A 60 -19.01 -3.00 -19.10
CA GLU A 60 -18.35 -3.96 -19.98
C GLU A 60 -16.91 -3.56 -20.25
N LEU A 61 -16.09 -4.55 -20.58
CA LEU A 61 -14.68 -4.33 -20.81
C LEU A 61 -14.44 -3.59 -22.12
N LEU A 62 -13.40 -2.76 -22.13
CA LEU A 62 -13.17 -1.83 -23.22
C LEU A 62 -12.11 -2.30 -24.21
N ILE A 63 -11.26 -3.22 -23.82
CA ILE A 63 -10.29 -3.84 -24.71
C ILE A 63 -10.90 -5.10 -25.29
N ARG A 64 -10.69 -5.35 -26.57
CA ARG A 64 -11.12 -6.59 -27.20
C ARG A 64 -10.36 -7.77 -26.59
N LYS A 65 -11.04 -8.92 -26.52
CA LYS A 65 -10.54 -10.04 -25.74
C LYS A 65 -9.38 -10.75 -26.42
N LEU A 66 -9.45 -10.93 -27.73
CA LEU A 66 -8.39 -11.62 -28.48
C LEU A 66 -7.03 -10.92 -28.47
N PRO A 67 -6.90 -9.59 -28.72
CA PRO A 67 -5.56 -8.98 -28.59
C PRO A 67 -4.99 -9.03 -27.19
N PHE A 68 -5.84 -8.92 -26.16
CA PHE A 68 -5.36 -9.05 -24.79
C PHE A 68 -4.91 -10.46 -24.49
N GLN A 69 -5.62 -11.46 -25.05
CA GLN A 69 -5.21 -12.85 -24.87
C GLN A 69 -3.87 -13.13 -25.53
N ARG A 70 -3.66 -12.59 -26.74
CA ARG A 70 -2.38 -12.76 -27.42
C ARG A 70 -1.25 -12.05 -26.67
N LEU A 71 -1.53 -10.85 -26.13
CA LEU A 71 -0.55 -10.11 -25.35
C LEU A 71 -0.18 -10.86 -24.08
N VAL A 72 -1.17 -11.44 -23.40
CA VAL A 72 -0.94 -12.22 -22.18
C VAL A 72 -0.10 -13.44 -22.48
N ARG A 73 -0.39 -14.13 -23.59
CA ARG A 73 0.36 -15.32 -23.97
C ARG A 73 1.80 -14.98 -24.33
N GLU A 74 2.03 -13.89 -25.06
CA GLU A 74 3.40 -13.53 -25.42
C GLU A 74 4.20 -13.05 -24.22
N ILE A 75 3.57 -12.31 -23.30
CA ILE A 75 4.24 -11.88 -22.09
C ILE A 75 4.59 -13.10 -21.22
N ALA A 76 3.70 -14.08 -21.15
CA ALA A 76 3.99 -15.28 -20.39
C ALA A 76 4.97 -16.21 -21.09
N GLN A 77 5.22 -16.01 -22.39
CA GLN A 77 6.21 -16.82 -23.10
C GLN A 77 7.62 -16.59 -22.58
N ASP A 78 7.92 -15.40 -22.04
CA ASP A 78 9.25 -15.12 -21.54
C ASP A 78 9.54 -15.77 -20.19
N PHE A 79 8.53 -16.24 -19.51
CA PHE A 79 8.69 -16.89 -18.25
C PHE A 79 8.53 -18.40 -18.33
N LYS A 80 7.72 -18.86 -19.27
CA LYS A 80 7.49 -20.28 -19.46
C LYS A 80 7.51 -20.50 -20.95
N THR A 81 8.07 -21.63 -21.38
CA THR A 81 8.16 -21.87 -22.82
C THR A 81 6.86 -22.38 -23.42
N ASP A 82 6.15 -23.26 -22.72
CA ASP A 82 4.91 -23.84 -23.24
C ASP A 82 3.97 -24.07 -22.06
N LEU A 83 3.08 -23.11 -21.85
CA LEU A 83 2.13 -23.16 -20.75
C LEU A 83 0.75 -22.72 -21.23
N ARG A 84 -0.28 -23.31 -20.64
CA ARG A 84 -1.65 -23.01 -21.01
C ARG A 84 -2.26 -22.00 -20.06
N PHE A 85 -3.42 -21.47 -20.44
CA PHE A 85 -4.11 -20.44 -19.69
C PHE A 85 -5.58 -20.81 -19.56
N GLN A 86 -6.12 -20.71 -18.36
CA GLN A 86 -7.56 -20.79 -18.19
C GLN A 86 -8.23 -19.57 -18.80
N SER A 87 -9.48 -19.72 -19.21
CA SER A 87 -10.23 -18.58 -19.72
C SER A 87 -10.51 -17.56 -18.62
N SER A 88 -10.75 -18.07 -17.42
CA SER A 88 -11.00 -17.22 -16.26
C SER A 88 -9.73 -16.44 -15.89
N ALA A 89 -8.57 -17.06 -16.10
CA ALA A 89 -7.31 -16.39 -15.79
C ALA A 89 -7.10 -15.17 -16.67
N VAL A 90 -7.33 -15.32 -17.97
CA VAL A 90 -7.23 -14.20 -18.90
C VAL A 90 -8.30 -13.16 -18.60
N MET A 91 -9.49 -13.61 -18.20
CA MET A 91 -10.57 -12.68 -17.88
C MET A 91 -10.24 -11.87 -16.63
N ALA A 92 -9.67 -12.51 -15.60
CA ALA A 92 -9.26 -11.81 -14.40
C ALA A 92 -8.13 -10.84 -14.68
N LEU A 93 -7.19 -11.24 -15.55
CA LEU A 93 -6.11 -10.35 -15.97
C LEU A 93 -6.65 -9.12 -16.70
N GLN A 94 -7.65 -9.32 -17.56
CA GLN A 94 -8.24 -8.21 -18.30
C GLN A 94 -8.98 -7.25 -17.38
N GLU A 95 -9.74 -7.79 -16.42
CA GLU A 95 -10.47 -6.94 -15.48
C GLU A 95 -9.51 -6.12 -14.61
N ALA A 96 -8.44 -6.76 -14.13
CA ALA A 96 -7.46 -6.07 -13.32
C ALA A 96 -6.70 -5.01 -14.10
N CYS A 97 -6.32 -5.32 -15.34
CA CYS A 97 -5.57 -4.36 -16.16
C CYS A 97 -6.43 -3.17 -16.55
N GLU A 98 -7.69 -3.40 -16.89
CA GLU A 98 -8.59 -2.30 -17.24
C GLU A 98 -8.90 -1.43 -16.03
N ALA A 99 -9.07 -2.04 -14.85
CA ALA A 99 -9.29 -1.25 -13.65
C ALA A 99 -8.08 -0.41 -13.28
N TYR A 100 -6.88 -0.99 -13.42
CA TYR A 100 -5.64 -0.26 -13.16
C TYR A 100 -5.48 0.91 -14.14
N LEU A 101 -5.79 0.68 -15.40
CA LEU A 101 -5.64 1.74 -16.40
C LEU A 101 -6.66 2.85 -16.20
N VAL A 102 -7.89 2.50 -15.78
CA VAL A 102 -8.90 3.51 -15.51
C VAL A 102 -8.53 4.36 -14.29
N GLY A 103 -8.02 3.72 -13.23
CA GLY A 103 -7.57 4.49 -12.07
C GLY A 103 -6.37 5.38 -12.37
N LEU A 104 -5.43 4.88 -13.19
CA LEU A 104 -4.29 5.69 -13.57
C LEU A 104 -4.70 6.84 -14.48
N PHE A 105 -5.71 6.64 -15.32
CA PHE A 105 -6.21 7.74 -16.13
C PHE A 105 -6.96 8.77 -15.31
N GLU A 106 -7.60 8.34 -14.21
CA GLU A 106 -8.21 9.29 -13.27
C GLU A 106 -7.15 10.17 -12.62
N ASP A 107 -6.06 9.56 -12.15
CA ASP A 107 -4.98 10.34 -11.55
C ASP A 107 -4.27 11.21 -12.58
N THR A 108 -4.16 10.72 -13.82
CA THR A 108 -3.60 11.50 -14.92
C THR A 108 -4.43 12.72 -15.25
N ASN A 109 -5.76 12.57 -15.25
CA ASN A 109 -6.66 13.70 -15.48
C ASN A 109 -6.56 14.72 -14.35
N LEU A 110 -6.41 14.24 -13.10
CA LEU A 110 -6.22 15.15 -11.98
C LEU A 110 -4.92 15.94 -12.11
N CYS A 111 -3.84 15.28 -12.56
CA CYS A 111 -2.58 15.97 -12.80
C CYS A 111 -2.69 17.00 -13.91
N ALA A 112 -3.42 16.67 -14.99
CA ALA A 112 -3.61 17.59 -16.10
C ALA A 112 -4.41 18.81 -15.69
N ILE A 113 -5.44 18.61 -14.86
CA ILE A 113 -6.23 19.74 -14.37
C ILE A 113 -5.41 20.60 -13.40
N HIS A 114 -4.56 19.97 -12.59
CA HIS A 114 -3.68 20.73 -11.70
C HIS A 114 -2.64 21.53 -12.49
N ALA A 115 -2.25 21.05 -13.66
CA ALA A 115 -1.36 21.82 -14.53
C ALA A 115 -2.10 22.81 -15.43
N LYS A 116 -3.35 23.14 -15.08
CA LYS A 116 -4.21 24.09 -15.82
C LYS A 116 -4.41 23.68 -17.27
N ARG A 117 -4.63 22.39 -17.49
CA ARG A 117 -4.88 21.86 -18.83
C ARG A 117 -6.09 20.95 -18.80
N VAL A 118 -6.63 20.69 -19.99
CA VAL A 118 -7.67 19.68 -20.18
C VAL A 118 -7.19 18.52 -21.04
N THR A 119 -5.97 18.59 -21.56
CA THR A 119 -5.37 17.50 -22.34
C THR A 119 -4.35 16.79 -21.48
N ILE A 120 -4.43 15.47 -21.44
CA ILE A 120 -3.46 14.69 -20.67
C ILE A 120 -2.24 14.43 -21.53
N MET A 121 -1.07 14.56 -20.92
CA MET A 121 0.22 14.38 -21.56
C MET A 121 0.94 13.21 -20.90
N PRO A 122 1.99 12.66 -21.53
CA PRO A 122 2.79 11.63 -20.85
C PRO A 122 3.43 12.08 -19.55
N LYS A 123 3.71 13.38 -19.39
CA LYS A 123 4.26 13.88 -18.15
C LYS A 123 3.26 13.75 -16.99
N ASP A 124 1.97 13.80 -17.30
CA ASP A 124 0.94 13.59 -16.27
C ASP A 124 0.92 12.14 -15.81
N ILE A 125 1.06 11.20 -16.74
CA ILE A 125 1.15 9.79 -16.41
C ILE A 125 2.39 9.52 -15.57
N GLN A 126 3.52 10.11 -15.95
CA GLN A 126 4.76 9.92 -15.20
C GLN A 126 4.68 10.50 -13.80
N LEU A 127 4.05 11.67 -13.65
CA LEU A 127 3.88 12.27 -12.33
C LEU A 127 2.95 11.44 -11.46
N ALA A 128 1.84 10.95 -12.03
CA ALA A 128 0.90 10.14 -11.26
C ALA A 128 1.53 8.82 -10.83
N ARG A 129 2.31 8.17 -11.71
CA ARG A 129 2.99 6.95 -11.31
C ARG A 129 4.15 7.21 -10.37
N ARG A 130 4.71 8.42 -10.37
CA ARG A 130 5.75 8.75 -9.41
C ARG A 130 5.17 8.96 -8.01
N ILE A 131 4.03 9.64 -7.91
CA ILE A 131 3.41 9.86 -6.61
C ILE A 131 2.82 8.56 -6.06
N ARG A 132 2.25 7.73 -6.94
CA ARG A 132 1.74 6.42 -6.53
C ARG A 132 2.84 5.47 -6.08
N GLY A 133 4.08 5.71 -6.51
CA GLY A 133 5.18 4.83 -6.15
C GLY A 133 5.45 3.72 -7.15
N GLU A 134 5.03 3.90 -8.41
CA GLU A 134 5.22 2.86 -9.42
C GLU A 134 6.43 3.16 -10.29
N ARG B 24 6.80 -11.21 -31.18
CA ARG B 24 5.44 -11.61 -31.49
C ARG B 24 4.54 -10.37 -31.57
N ASP B 25 5.15 -9.21 -31.30
CA ASP B 25 4.52 -7.89 -31.34
C ASP B 25 3.34 -7.79 -30.37
N ASN B 26 2.11 -7.74 -30.90
CA ASN B 26 0.84 -7.85 -30.18
C ASN B 26 0.58 -6.78 -29.12
N ILE B 27 1.47 -5.81 -28.97
CA ILE B 27 1.17 -4.64 -28.15
C ILE B 27 0.39 -3.62 -28.96
N GLN B 28 0.45 -3.71 -30.29
CA GLN B 28 -0.39 -2.90 -31.17
C GLN B 28 -1.83 -3.36 -31.19
N GLY B 29 -2.13 -4.53 -30.64
CA GLY B 29 -3.51 -4.98 -30.49
C GLY B 29 -4.28 -4.19 -29.45
N ILE B 30 -3.58 -3.54 -28.52
CA ILE B 30 -4.19 -2.56 -27.64
C ILE B 30 -4.26 -1.27 -28.44
N THR B 31 -5.35 -1.09 -29.18
CA THR B 31 -5.40 -0.08 -30.21
C THR B 31 -5.63 1.31 -29.60
N LYS B 32 -5.55 2.32 -30.48
CA LYS B 32 -5.85 3.70 -30.09
C LYS B 32 -7.27 3.91 -29.55
N PRO B 33 -8.36 3.42 -30.17
CA PRO B 33 -9.66 3.67 -29.54
C PRO B 33 -9.91 2.87 -28.27
N ALA B 34 -9.18 1.77 -28.03
CA ALA B 34 -9.30 1.06 -26.77
C ALA B 34 -8.74 1.88 -25.61
N ILE B 35 -7.57 2.49 -25.83
CA ILE B 35 -7.00 3.40 -24.84
C ILE B 35 -7.86 4.64 -24.69
N ARG B 36 -8.47 5.09 -25.81
CA ARG B 36 -9.42 6.20 -25.76
C ARG B 36 -10.63 5.88 -24.89
N ARG B 37 -11.18 4.66 -25.02
CA ARG B 37 -12.30 4.24 -24.20
C ARG B 37 -11.92 4.12 -22.74
N LEU B 38 -10.72 3.59 -22.45
CA LEU B 38 -10.26 3.48 -21.08
C LEU B 38 -10.01 4.84 -20.45
N ALA B 39 -9.64 5.83 -21.27
CA ALA B 39 -9.49 7.20 -20.76
C ALA B 39 -10.85 7.88 -20.58
N ARG B 40 -11.82 7.57 -21.44
CA ARG B 40 -13.16 8.13 -21.29
C ARG B 40 -13.83 7.59 -20.04
N ARG B 41 -13.58 6.33 -19.68
CA ARG B 41 -14.07 5.81 -18.42
C ARG B 41 -13.38 6.49 -17.23
N GLY B 42 -12.12 6.88 -17.40
CA GLY B 42 -11.43 7.61 -16.36
C GLY B 42 -11.77 9.09 -16.27
N GLY B 43 -12.60 9.59 -17.17
CA GLY B 43 -13.00 10.98 -17.13
C GLY B 43 -12.16 11.93 -17.96
N VAL B 44 -11.34 11.42 -18.87
CA VAL B 44 -10.44 12.26 -19.65
C VAL B 44 -11.18 12.81 -20.86
N LYS B 45 -11.17 14.13 -21.02
CA LYS B 45 -11.87 14.81 -22.11
C LYS B 45 -11.01 14.93 -23.36
N ARG B 46 -9.76 15.37 -23.22
CA ARG B 46 -8.85 15.55 -24.34
C ARG B 46 -7.59 14.72 -24.13
N ILE B 47 -7.15 14.04 -25.17
CA ILE B 47 -6.04 13.09 -25.11
C ILE B 47 -4.97 13.52 -26.11
N SER B 48 -3.72 13.58 -25.66
CA SER B 48 -2.62 13.87 -26.57
C SER B 48 -2.26 12.65 -27.39
N GLY B 49 -1.51 12.88 -28.47
CA GLY B 49 -1.16 11.80 -29.37
C GLY B 49 -0.08 10.88 -28.85
N LEU B 50 0.71 11.33 -27.90
CA LEU B 50 1.78 10.52 -27.32
C LEU B 50 1.33 9.74 -26.10
N ILE B 51 0.05 9.80 -25.75
CA ILE B 51 -0.48 9.08 -24.61
C ILE B 51 -0.47 7.58 -24.86
N TYR B 52 -0.74 7.17 -26.10
CA TYR B 52 -1.03 5.76 -26.40
C TYR B 52 0.20 4.87 -26.23
N GLU B 53 1.37 5.35 -26.66
CA GLU B 53 2.58 4.55 -26.52
C GLU B 53 3.01 4.45 -25.06
N GLU B 54 2.85 5.54 -24.30
CA GLU B 54 3.13 5.51 -22.86
C GLU B 54 2.19 4.57 -22.14
N THR B 55 0.90 4.56 -22.52
CA THR B 55 -0.08 3.66 -21.92
C THR B 55 0.21 2.21 -22.27
N ARG B 56 0.68 1.95 -23.50
CA ARG B 56 1.07 0.60 -23.88
C ARG B 56 2.27 0.12 -23.07
N GLY B 57 3.25 0.99 -22.85
CA GLY B 57 4.38 0.63 -22.01
C GLY B 57 4.00 0.38 -20.55
N VAL B 58 3.08 1.21 -20.03
CA VAL B 58 2.61 1.06 -18.65
C VAL B 58 1.84 -0.25 -18.49
N LEU B 59 0.96 -0.55 -19.45
CA LEU B 59 0.21 -1.81 -19.42
C LEU B 59 1.12 -3.01 -19.56
N LYS B 60 2.17 -2.90 -20.38
CA LYS B 60 3.13 -4.00 -20.52
C LYS B 60 3.89 -4.24 -19.22
N VAL B 61 4.30 -3.17 -18.53
CA VAL B 61 5.03 -3.33 -17.26
C VAL B 61 4.14 -3.96 -16.19
N PHE B 62 2.88 -3.49 -16.10
CA PHE B 62 1.94 -4.04 -15.13
C PHE B 62 1.61 -5.50 -15.42
N LEU B 63 1.43 -5.83 -16.70
CA LEU B 63 1.12 -7.20 -17.10
C LEU B 63 2.28 -8.14 -16.84
N GLU B 64 3.51 -7.68 -17.09
CA GLU B 64 4.69 -8.50 -16.78
C GLU B 64 4.81 -8.75 -15.28
N ASN B 65 4.56 -7.71 -14.47
CA ASN B 65 4.65 -7.87 -13.01
C ASN B 65 3.61 -8.83 -12.46
N VAL B 66 2.39 -8.79 -13.00
CA VAL B 66 1.35 -9.71 -12.52
C VAL B 66 1.59 -11.12 -13.04
N ILE B 67 1.92 -11.24 -14.32
CA ILE B 67 2.05 -12.55 -14.97
C ILE B 67 3.26 -13.31 -14.45
N ARG B 68 4.34 -12.61 -14.07
CA ARG B 68 5.51 -13.28 -13.50
C ARG B 68 5.17 -13.96 -12.17
N ASP B 69 4.42 -13.28 -11.31
CA ASP B 69 4.00 -13.87 -10.05
C ASP B 69 2.99 -14.99 -10.26
N ALA B 70 2.11 -14.84 -11.25
CA ALA B 70 1.13 -15.89 -11.55
C ALA B 70 1.82 -17.16 -12.07
N VAL B 71 2.83 -16.99 -12.91
CA VAL B 71 3.60 -18.13 -13.42
C VAL B 71 4.44 -18.76 -12.31
N THR B 72 4.94 -17.95 -11.37
CA THR B 72 5.65 -18.49 -10.21
C THR B 72 4.72 -19.34 -9.32
N TYR B 73 3.50 -18.85 -9.10
CA TYR B 73 2.49 -19.61 -8.35
C TYR B 73 2.10 -20.88 -9.09
N THR B 74 2.05 -20.83 -10.43
CA THR B 74 1.75 -22.01 -11.22
C THR B 74 2.86 -23.04 -11.16
N GLU B 75 4.11 -22.58 -11.24
CA GLU B 75 5.26 -23.48 -11.23
C GLU B 75 5.48 -24.10 -9.85
N HIS B 76 5.04 -23.41 -8.79
CA HIS B 76 5.15 -24.01 -7.46
C HIS B 76 4.18 -25.18 -7.30
N ALA B 77 3.04 -25.12 -7.97
CA ALA B 77 2.03 -26.16 -7.90
C ALA B 77 2.28 -27.31 -8.83
N LYS B 78 3.44 -27.32 -9.52
CA LYS B 78 3.81 -28.31 -10.53
C LYS B 78 2.79 -28.38 -11.66
N ARG B 79 2.20 -27.26 -12.02
CA ARG B 79 1.19 -27.19 -13.06
C ARG B 79 1.74 -26.52 -14.30
N LYS B 80 1.14 -26.85 -15.45
CA LYS B 80 1.45 -26.21 -16.72
C LYS B 80 0.32 -25.30 -17.17
N THR B 81 -0.68 -25.05 -16.33
CA THR B 81 -1.82 -24.23 -16.66
C THR B 81 -1.95 -23.13 -15.62
N VAL B 82 -2.04 -21.89 -16.09
CA VAL B 82 -2.29 -20.75 -15.21
C VAL B 82 -3.78 -20.66 -14.97
N THR B 83 -4.18 -20.77 -13.70
CA THR B 83 -5.58 -20.71 -13.33
C THR B 83 -5.95 -19.31 -12.88
N ALA B 84 -7.25 -19.10 -12.65
CA ALA B 84 -7.71 -17.82 -12.14
C ALA B 84 -7.28 -17.60 -10.69
N MET B 85 -7.10 -18.70 -9.93
CA MET B 85 -6.61 -18.60 -8.57
C MET B 85 -5.20 -18.06 -8.51
N ASP B 86 -4.33 -18.48 -9.43
CA ASP B 86 -2.96 -17.98 -9.46
C ASP B 86 -2.92 -16.50 -9.79
N VAL B 87 -3.77 -16.06 -10.72
CA VAL B 87 -3.86 -14.64 -11.06
C VAL B 87 -4.39 -13.84 -9.87
N VAL B 88 -5.38 -14.40 -9.16
CA VAL B 88 -5.96 -13.71 -8.00
C VAL B 88 -4.93 -13.58 -6.88
N TYR B 89 -4.15 -14.64 -6.63
CA TYR B 89 -3.09 -14.57 -5.63
C TYR B 89 -2.00 -13.59 -6.02
N ALA B 90 -1.64 -13.58 -7.32
CA ALA B 90 -0.62 -12.65 -7.81
C ALA B 90 -1.09 -11.21 -7.69
N LEU B 91 -2.30 -10.93 -8.01
CA LEU B 91 -2.80 -9.63 -7.92
C LEU B 91 -2.80 -9.28 -6.57
N LYS B 92 -3.19 -10.08 -5.66
CA LYS B 92 -3.27 -9.77 -4.27
C LYS B 92 -2.07 -9.40 -3.63
N ARG B 93 -0.97 -10.02 -4.06
CA ARG B 93 0.33 -9.80 -3.47
C ARG B 93 0.86 -8.45 -3.84
N GLN B 94 0.17 -7.76 -4.74
CA GLN B 94 0.65 -6.50 -5.10
C GLN B 94 -0.23 -5.53 -4.55
N GLY B 95 -1.08 -5.89 -3.65
CA GLY B 95 -1.99 -4.90 -3.11
C GLY B 95 -3.12 -4.50 -4.03
N ARG B 96 -3.48 -5.37 -4.98
CA ARG B 96 -4.49 -5.11 -6.00
C ARG B 96 -5.53 -6.21 -5.99
N THR B 97 -6.11 -6.46 -4.81
CA THR B 97 -7.08 -7.53 -4.59
C THR B 97 -8.28 -7.42 -5.52
N LEU B 98 -8.59 -8.53 -6.20
CA LEU B 98 -9.65 -8.59 -7.19
C LEU B 98 -10.74 -9.53 -6.70
N TYR B 99 -11.98 -9.05 -6.70
CA TYR B 99 -13.12 -9.83 -6.25
C TYR B 99 -13.85 -10.40 -7.45
N GLY B 100 -14.52 -11.53 -7.24
CA GLY B 100 -15.39 -12.11 -8.25
C GLY B 100 -14.82 -13.25 -9.03
N PHE B 101 -13.60 -13.69 -8.73
CA PHE B 101 -13.00 -14.83 -9.41
C PHE B 101 -12.62 -15.93 -8.43
N GLY B 102 -13.41 -16.12 -7.38
CA GLY B 102 -13.14 -17.16 -6.41
C GLY B 102 -12.62 -16.61 -5.09
N ALA C 13 27.50 -38.97 20.95
CA ALA C 13 27.01 -37.67 21.35
C ALA C 13 28.13 -36.63 21.12
N LYS C 14 27.82 -35.36 20.70
CA LYS C 14 28.75 -34.19 20.44
C LYS C 14 28.38 -32.62 20.15
N ALA C 15 29.08 -32.15 19.17
CA ALA C 15 29.27 -30.83 18.59
C ALA C 15 28.41 -30.66 17.34
N LYS C 16 28.85 -29.76 16.46
CA LYS C 16 28.28 -29.54 15.12
C LYS C 16 26.84 -29.06 15.15
N SER C 17 26.65 -27.81 15.58
CA SER C 17 25.36 -27.14 15.43
C SER C 17 24.98 -27.00 13.96
N ARG C 18 23.69 -26.78 13.72
CA ARG C 18 23.15 -26.84 12.37
C ARG C 18 23.62 -25.68 11.50
N SER C 19 24.03 -24.57 12.11
CA SER C 19 24.60 -23.47 11.35
C SER C 19 25.98 -23.84 10.83
N SER C 20 26.79 -24.49 11.66
CA SER C 20 28.13 -24.88 11.24
C SER C 20 28.09 -26.02 10.24
N ARG C 21 27.06 -26.86 10.30
CA ARG C 21 26.91 -27.93 9.32
C ARG C 21 26.51 -27.38 7.95
N ALA C 22 25.79 -26.26 7.93
CA ALA C 22 25.40 -25.61 6.69
C ALA C 22 26.35 -24.50 6.27
N GLY C 23 27.42 -24.26 7.03
CA GLY C 23 28.37 -23.19 6.72
C GLY C 23 27.79 -21.80 6.85
N LEU C 24 27.02 -21.55 7.89
CA LEU C 24 26.34 -20.28 8.08
C LEU C 24 26.74 -19.67 9.42
N GLN C 25 26.36 -18.40 9.60
CA GLN C 25 26.45 -17.72 10.89
C GLN C 25 25.10 -17.41 11.50
N PHE C 26 24.05 -17.29 10.70
CA PHE C 26 22.71 -17.13 11.23
C PHE C 26 22.23 -18.46 11.81
N PRO C 27 21.52 -18.43 12.96
CA PRO C 27 21.20 -19.68 13.67
C PRO C 27 20.10 -20.46 12.97
N VAL C 28 20.42 -21.67 12.52
CA VAL C 28 19.43 -22.54 11.91
C VAL C 28 18.45 -23.04 12.97
N GLY C 29 18.95 -23.33 14.17
CA GLY C 29 18.08 -23.82 15.24
C GLY C 29 17.08 -22.79 15.74
N ARG C 30 17.53 -21.54 15.90
CA ARG C 30 16.63 -20.48 16.34
C ARG C 30 15.60 -20.16 15.25
N VAL C 31 16.00 -20.20 13.98
CA VAL C 31 15.07 -19.95 12.88
C VAL C 31 14.06 -21.09 12.77
N HIS C 32 14.49 -22.33 13.01
CA HIS C 32 13.57 -23.46 13.07
C HIS C 32 12.58 -23.32 14.22
N ARG C 33 13.05 -22.86 15.39
CA ARG C 33 12.16 -22.66 16.52
C ARG C 33 11.17 -21.53 16.27
N LEU C 34 11.61 -20.46 15.62
CA LEU C 34 10.73 -19.35 15.30
C LEU C 34 9.72 -19.71 14.21
N LEU C 35 10.12 -20.61 13.30
CA LEU C 35 9.19 -21.11 12.30
C LEU C 35 8.16 -22.05 12.91
N ARG C 36 8.58 -22.83 13.90
CA ARG C 36 7.64 -23.72 14.58
C ARG C 36 6.67 -22.95 15.47
N LYS C 37 7.17 -21.97 16.21
CA LYS C 37 6.34 -21.19 17.13
C LYS C 37 5.65 -20.00 16.47
N GLY C 38 5.96 -19.70 15.22
CA GLY C 38 5.37 -18.55 14.57
C GLY C 38 4.00 -18.76 13.99
N ASN C 39 3.47 -19.98 14.11
CA ASN C 39 2.15 -20.38 13.61
C ASN C 39 2.02 -20.15 12.10
N TYR C 40 3.00 -20.65 11.36
CA TYR C 40 2.96 -20.59 9.90
C TYR C 40 2.42 -21.86 9.27
N ALA C 41 2.81 -23.03 9.78
CA ALA C 41 2.31 -24.28 9.24
C ALA C 41 2.26 -25.32 10.35
N GLU C 42 1.61 -26.44 10.05
CA GLU C 42 1.55 -27.53 11.01
C GLU C 42 2.90 -28.21 11.18
N ARG C 43 3.64 -28.39 10.09
CA ARG C 43 4.96 -29.00 10.14
C ARG C 43 5.96 -28.08 9.45
N VAL C 44 7.23 -28.24 9.80
CA VAL C 44 8.32 -27.51 9.18
C VAL C 44 9.40 -28.53 8.83
N GLY C 45 9.70 -28.65 7.53
CA GLY C 45 10.77 -29.53 7.11
C GLY C 45 12.13 -28.98 7.50
N ALA C 46 13.10 -29.88 7.64
CA ALA C 46 14.42 -29.45 8.10
C ALA C 46 15.35 -29.12 6.95
N GLY C 47 14.84 -28.38 5.96
CA GLY C 47 15.66 -27.71 4.98
C GLY C 47 15.23 -26.27 4.89
N ALA C 48 14.01 -26.02 5.37
CA ALA C 48 13.46 -24.66 5.38
C ALA C 48 14.21 -23.69 6.30
N PRO C 49 14.59 -24.03 7.55
CA PRO C 49 15.43 -23.07 8.30
C PRO C 49 16.81 -22.86 7.71
N VAL C 50 17.38 -23.85 7.03
CA VAL C 50 18.67 -23.68 6.38
C VAL C 50 18.56 -22.68 5.23
N TYR C 51 17.54 -22.85 4.38
CA TYR C 51 17.29 -21.93 3.28
C TYR C 51 16.98 -20.52 3.78
N MET C 52 16.31 -20.44 4.87
CA MET C 52 15.89 -19.23 5.45
C MET C 52 16.84 -18.54 6.12
N ALA C 53 17.74 -19.15 6.77
CA ALA C 53 18.92 -18.56 7.39
C ALA C 53 19.94 -18.12 6.35
N ALA C 54 20.08 -18.89 5.26
CA ALA C 54 20.97 -18.50 4.18
C ALA C 54 20.50 -17.23 3.48
N VAL C 55 19.18 -17.11 3.25
CA VAL C 55 18.65 -15.92 2.58
C VAL C 55 18.79 -14.69 3.49
N LEU C 56 18.49 -14.84 4.78
CA LEU C 56 18.66 -13.75 5.72
C LEU C 56 20.12 -13.33 5.86
N GLU C 57 21.04 -14.31 5.85
CA GLU C 57 22.46 -14.01 5.94
C GLU C 57 22.97 -13.30 4.70
N TYR C 58 22.46 -13.70 3.52
CA TYR C 58 22.86 -13.03 2.29
C TYR C 58 22.36 -11.59 2.25
N LEU C 59 21.12 -11.37 2.67
CA LEU C 59 20.57 -10.00 2.67
C LEU C 59 21.29 -9.12 3.68
N THR C 60 21.59 -9.67 4.86
CA THR C 60 22.36 -8.94 5.86
C THR C 60 23.76 -8.62 5.35
N ALA C 61 24.40 -9.57 4.67
CA ALA C 61 25.74 -9.35 4.12
C ALA C 61 25.74 -8.27 3.06
N GLU C 62 24.73 -8.27 2.18
CA GLU C 62 24.66 -7.29 1.11
C GLU C 62 24.43 -5.87 1.67
N ILE C 63 23.47 -5.74 2.59
CA ILE C 63 23.19 -4.42 3.17
C ILE C 63 24.36 -3.93 4.01
N LEU C 64 24.98 -4.83 4.78
CA LEU C 64 26.09 -4.44 5.63
C LEU C 64 27.34 -4.08 4.82
N GLU C 65 27.57 -4.76 3.69
CA GLU C 65 28.72 -4.43 2.87
C GLU C 65 28.52 -3.10 2.15
N LEU C 66 27.31 -2.85 1.65
CA LEU C 66 27.04 -1.57 1.00
C LEU C 66 27.09 -0.42 2.01
N ALA C 67 26.62 -0.65 3.24
CA ALA C 67 26.70 0.37 4.28
C ALA C 67 28.13 0.58 4.75
N GLY C 68 28.95 -0.48 4.75
CA GLY C 68 30.35 -0.31 5.07
C GLY C 68 31.11 0.46 4.00
N ASN C 69 30.75 0.25 2.73
CA ASN C 69 31.32 1.05 1.66
C ASN C 69 30.88 2.51 1.76
N ALA C 70 29.62 2.75 2.12
CA ALA C 70 29.14 4.12 2.31
C ALA C 70 29.83 4.79 3.49
N ALA C 71 30.12 4.03 4.54
CA ALA C 71 30.88 4.57 5.66
C ALA C 71 32.34 4.81 5.30
N ARG C 72 32.89 3.96 4.42
CA ARG C 72 34.28 4.11 4.00
C ARG C 72 34.46 5.34 3.13
N ASP C 73 33.48 5.64 2.27
CA ASP C 73 33.53 6.92 1.55
C ASP C 73 32.87 8.05 2.32
N ASN C 74 33.24 8.13 3.60
CA ASN C 74 32.77 9.16 4.52
C ASN C 74 33.84 9.39 5.60
N LYS C 75 35.03 8.84 5.34
CA LYS C 75 36.19 8.91 6.25
C LYS C 75 35.73 8.50 7.65
N LYS C 76 34.86 7.50 7.70
CA LYS C 76 34.31 6.95 8.93
C LYS C 76 34.59 5.45 9.01
N THR C 77 34.62 4.93 10.24
CA THR C 77 34.88 3.51 10.47
C THR C 77 33.84 2.90 11.40
N ARG C 78 32.60 3.36 11.27
CA ARG C 78 31.49 2.87 12.09
C ARG C 78 30.19 3.15 11.34
N ILE C 79 29.35 2.15 11.22
CA ILE C 79 28.11 2.27 10.46
C ILE C 79 27.04 2.89 11.35
N ILE C 80 26.49 4.01 10.91
CA ILE C 80 25.38 4.69 11.58
C ILE C 80 24.16 4.43 10.70
N PRO C 81 22.91 4.70 11.14
CA PRO C 81 21.76 4.49 10.24
C PRO C 81 21.74 5.37 8.99
N ARG C 82 22.49 6.47 8.98
CA ARG C 82 22.65 7.25 7.76
C ARG C 82 23.32 6.44 6.67
N HIS C 83 24.33 5.65 7.03
CA HIS C 83 25.02 4.80 6.07
C HIS C 83 24.11 3.70 5.55
N LEU C 84 23.25 3.15 6.42
CA LEU C 84 22.29 2.14 5.97
C LEU C 84 21.26 2.74 5.03
N GLN C 85 20.79 3.96 5.31
CA GLN C 85 19.85 4.62 4.42
C GLN C 85 20.49 4.96 3.09
N LEU C 86 21.76 5.39 3.10
CA LEU C 86 22.49 5.65 1.87
C LEU C 86 22.72 4.38 1.06
N ALA C 87 22.95 3.26 1.75
CA ALA C 87 23.12 1.99 1.06
C ALA C 87 21.81 1.51 0.43
N ILE C 88 20.70 1.63 1.15
CA ILE C 88 19.43 1.09 0.68
C ILE C 88 18.85 1.96 -0.42
N ARG C 89 18.84 3.28 -0.23
CA ARG C 89 18.14 4.15 -1.16
C ARG C 89 18.91 4.35 -2.46
N ASN C 90 20.18 3.99 -2.52
CA ASN C 90 20.96 4.11 -3.75
C ASN C 90 20.87 2.89 -4.64
N ASP C 91 20.08 1.90 -4.25
CA ASP C 91 19.94 0.69 -5.05
C ASP C 91 18.51 0.47 -5.53
N GLU C 92 18.37 0.07 -6.79
CA GLU C 92 17.03 -0.17 -7.33
C GLU C 92 16.33 -1.32 -6.62
N GLU C 93 17.04 -2.43 -6.39
CA GLU C 93 16.42 -3.62 -5.85
C GLU C 93 16.02 -3.47 -4.39
N LEU C 94 17.01 -2.99 -3.67
CA LEU C 94 17.01 -2.78 -2.24
C LEU C 94 16.03 -1.80 -1.96
N ASN C 95 15.90 -0.71 -2.66
CA ASN C 95 14.89 0.24 -2.44
C ASN C 95 13.61 -0.38 -2.70
N LYS C 96 13.41 -1.18 -3.67
CA LYS C 96 12.19 -1.84 -3.91
C LYS C 96 11.81 -2.77 -2.82
N LEU C 97 12.70 -3.47 -2.17
CA LEU C 97 12.34 -4.34 -1.12
C LEU C 97 11.94 -3.50 0.00
N LEU C 98 12.73 -2.57 0.39
CA LEU C 98 12.45 -1.75 1.56
C LEU C 98 11.89 -0.38 1.16
N GLY C 99 10.98 -0.39 0.18
CA GLY C 99 10.44 0.86 -0.33
C GLY C 99 9.39 1.51 0.55
N LYS C 100 8.63 0.70 1.29
CA LYS C 100 7.63 1.20 2.23
C LYS C 100 8.13 1.17 3.66
N VAL C 101 9.42 1.39 3.87
CA VAL C 101 10.08 1.21 5.16
C VAL C 101 10.76 2.51 5.55
N THR C 102 10.50 2.97 6.77
CA THR C 102 11.14 4.13 7.36
C THR C 102 12.32 3.67 8.20
N ILE C 103 13.49 4.26 7.96
CA ILE C 103 14.68 4.01 8.76
C ILE C 103 14.85 5.19 9.72
N ALA C 104 14.90 4.90 11.01
CA ALA C 104 15.08 5.94 12.01
C ALA C 104 16.49 6.50 11.95
N GLN C 105 16.59 7.83 12.05
CA GLN C 105 17.84 8.59 11.99
C GLN C 105 18.63 8.32 10.71
N GLY C 106 17.92 8.14 9.60
CA GLY C 106 18.57 7.85 8.33
C GLY C 106 18.58 9.03 7.38
N GLY C 107 17.66 9.97 7.58
CA GLY C 107 17.59 11.11 6.70
C GLY C 107 16.99 10.74 5.35
N VAL C 108 17.34 11.54 4.35
CA VAL C 108 16.92 11.33 2.98
C VAL C 108 18.15 11.38 2.07
N LEU C 109 17.96 10.94 0.84
CA LEU C 109 19.00 11.04 -0.17
C LEU C 109 19.17 12.51 -0.58
N PRO C 110 20.40 13.02 -0.65
CA PRO C 110 20.59 14.41 -1.06
C PRO C 110 20.34 14.61 -2.54
N ASN C 111 19.19 15.20 -2.88
CA ASN C 111 18.90 15.50 -4.28
C ASN C 111 18.09 16.79 -4.37
N ILE C 112 18.37 17.59 -5.39
CA ILE C 112 17.62 18.80 -5.71
C ILE C 112 17.15 18.68 -7.15
N GLN C 113 15.90 19.05 -7.40
CA GLN C 113 15.38 19.05 -8.76
C GLN C 113 16.11 20.07 -9.61
N ALA C 114 16.28 19.76 -10.90
CA ALA C 114 17.16 20.55 -11.75
C ALA C 114 16.56 21.92 -12.09
N VAL C 115 15.24 22.06 -11.98
CA VAL C 115 14.62 23.35 -12.25
C VAL C 115 14.79 24.32 -11.11
N LEU C 116 15.23 23.85 -9.94
CA LEU C 116 15.42 24.73 -8.79
C LEU C 116 16.80 25.37 -8.77
N LEU C 117 17.74 24.86 -9.55
CA LEU C 117 19.08 25.42 -9.59
C LEU C 117 19.07 26.73 -10.39
N PRO C 118 19.84 27.73 -9.97
CA PRO C 118 19.81 29.02 -10.68
C PRO C 118 20.70 29.04 -11.91
N LYS C 119 20.23 29.73 -12.93
CA LYS C 119 20.96 29.86 -14.18
C LYS C 119 20.58 31.14 -14.91
N LYS D 31 15.85 -10.72 38.21
CA LYS D 31 15.10 -11.96 37.95
C LYS D 31 14.26 -11.83 36.69
N ARG D 32 14.38 -10.68 36.02
CA ARG D 32 13.65 -10.43 34.80
C ARG D 32 14.21 -11.26 33.65
N SER D 33 13.31 -11.68 32.75
CA SER D 33 13.66 -12.58 31.66
C SER D 33 14.52 -11.86 30.62
N ARG D 34 15.08 -12.64 29.70
CA ARG D 34 16.09 -12.16 28.76
C ARG D 34 15.48 -11.94 27.39
N LYS D 35 15.92 -10.90 26.71
CA LYS D 35 15.51 -10.63 25.34
C LYS D 35 16.52 -11.23 24.37
N GLU D 36 16.04 -11.62 23.19
CA GLU D 36 16.90 -12.24 22.20
C GLU D 36 16.77 -11.51 20.88
N SER D 37 17.85 -11.51 20.11
CA SER D 37 17.93 -10.73 18.89
C SER D 37 18.97 -11.36 17.97
N TYR D 38 19.26 -10.70 16.86
CA TYR D 38 20.25 -11.15 15.89
C TYR D 38 21.55 -10.38 15.98
N SER D 39 21.76 -9.59 17.03
CA SER D 39 22.89 -8.67 17.14
C SER D 39 24.25 -9.37 17.20
N ILE D 40 24.26 -10.65 17.50
CA ILE D 40 25.51 -11.41 17.58
C ILE D 40 25.90 -11.97 16.22
N TYR D 41 24.92 -12.46 15.48
CA TYR D 41 25.16 -13.02 14.14
C TYR D 41 25.37 -11.94 13.10
N VAL D 42 24.65 -10.82 13.21
CA VAL D 42 24.82 -9.68 12.31
C VAL D 42 26.22 -9.10 12.45
N TYR D 43 26.75 -9.08 13.68
CA TYR D 43 28.12 -8.63 13.89
C TYR D 43 29.13 -9.61 13.28
N LYS D 44 28.84 -10.91 13.32
CA LYS D 44 29.71 -11.91 12.69
C LYS D 44 29.76 -11.74 11.19
N VAL D 45 28.59 -11.49 10.58
CA VAL D 45 28.52 -11.25 9.14
C VAL D 45 29.25 -9.96 8.78
N LEU D 46 29.14 -8.94 9.64
CA LEU D 46 29.85 -7.69 9.42
C LEU D 46 31.36 -7.88 9.47
N LYS D 47 31.85 -8.65 10.44
CA LYS D 47 33.29 -8.91 10.50
C LYS D 47 33.75 -9.83 9.38
N GLN D 48 32.85 -10.60 8.76
CA GLN D 48 33.23 -11.26 7.51
C GLN D 48 33.37 -10.28 6.36
N VAL D 49 32.38 -9.41 6.16
CA VAL D 49 32.35 -8.59 4.96
C VAL D 49 33.20 -7.33 5.10
N HIS D 50 33.48 -6.92 6.34
CA HIS D 50 34.26 -5.72 6.61
C HIS D 50 35.01 -5.95 7.92
N PRO D 51 36.26 -6.39 7.87
CA PRO D 51 36.99 -6.70 9.11
C PRO D 51 37.30 -5.48 9.97
N ASP D 52 37.73 -4.38 9.36
CA ASP D 52 38.00 -3.16 10.13
C ASP D 52 36.85 -2.16 9.94
N THR D 53 35.71 -2.49 10.57
CA THR D 53 34.54 -1.64 10.52
C THR D 53 33.63 -1.98 11.69
N GLY D 54 33.37 -1.00 12.55
CA GLY D 54 32.44 -1.17 13.65
C GLY D 54 31.01 -0.85 13.24
N ILE D 55 30.14 -0.82 14.24
CA ILE D 55 28.72 -0.52 14.02
C ILE D 55 28.16 0.09 15.29
N SER D 56 27.27 1.07 15.11
CA SER D 56 26.59 1.69 16.24
C SER D 56 25.43 0.83 16.71
N SER D 57 24.90 1.17 17.90
CA SER D 57 23.79 0.40 18.45
C SER D 57 22.49 0.69 17.71
N LYS D 58 22.33 1.93 17.22
CA LYS D 58 21.15 2.26 16.43
C LYS D 58 21.13 1.52 15.10
N ALA D 59 22.29 1.39 14.45
CA ALA D 59 22.38 0.63 13.22
C ALA D 59 22.16 -0.86 13.47
N MET D 60 22.58 -1.37 14.62
CA MET D 60 22.25 -2.75 14.99
C MET D 60 20.76 -2.92 15.23
N GLY D 61 20.09 -1.90 15.77
CA GLY D 61 18.65 -1.96 15.91
C GLY D 61 17.93 -1.96 14.57
N ILE D 62 18.44 -1.17 13.62
CA ILE D 62 17.92 -1.18 12.25
C ILE D 62 18.12 -2.56 11.61
N MET D 63 19.29 -3.16 11.84
CA MET D 63 19.58 -4.48 11.29
C MET D 63 18.67 -5.56 11.90
N ASN D 64 18.43 -5.49 13.22
CA ASN D 64 17.55 -6.46 13.87
C ASN D 64 16.12 -6.33 13.36
N SER D 65 15.64 -5.08 13.20
CA SER D 65 14.31 -4.87 12.64
C SER D 65 14.21 -5.35 11.20
N PHE D 66 15.29 -5.19 10.43
CA PHE D 66 15.32 -5.66 9.04
C PHE D 66 15.24 -7.17 8.95
N VAL D 67 16.04 -7.87 9.77
CA VAL D 67 16.05 -9.34 9.74
C VAL D 67 14.71 -9.88 10.21
N ASN D 68 14.12 -9.27 11.25
CA ASN D 68 12.79 -9.68 11.71
C ASN D 68 11.72 -9.46 10.64
N ASP D 69 11.76 -8.31 9.96
CA ASP D 69 10.76 -7.99 8.94
C ASP D 69 10.84 -8.93 7.75
N ILE D 70 12.06 -9.21 7.28
CA ILE D 70 12.24 -10.11 6.15
C ILE D 70 11.87 -11.55 6.53
N PHE D 71 12.16 -11.94 7.78
CA PHE D 71 11.76 -13.26 8.27
C PHE D 71 10.24 -13.42 8.26
N GLU D 72 9.52 -12.43 8.80
CA GLU D 72 8.06 -12.51 8.81
C GLU D 72 7.48 -12.47 7.40
N ARG D 73 8.07 -11.69 6.50
CA ARG D 73 7.58 -11.62 5.12
C ARG D 73 7.74 -12.95 4.40
N ILE D 74 8.94 -13.54 4.44
CA ILE D 74 9.20 -14.79 3.74
C ILE D 74 8.42 -15.94 4.37
N ALA D 75 8.35 -15.98 5.70
CA ALA D 75 7.66 -17.06 6.38
C ALA D 75 6.15 -16.99 6.17
N GLY D 76 5.57 -15.78 6.18
CA GLY D 76 4.16 -15.65 5.90
C GLY D 76 3.81 -15.98 4.46
N GLU D 77 4.70 -15.61 3.54
CA GLU D 77 4.50 -15.89 2.13
C GLU D 77 4.54 -17.40 1.89
N ALA D 78 5.52 -18.06 2.52
CA ALA D 78 5.65 -19.51 2.39
C ALA D 78 4.50 -20.24 3.05
N SER D 79 3.99 -19.71 4.17
CA SER D 79 2.79 -20.27 4.80
C SER D 79 1.58 -20.17 3.88
N ARG D 80 1.43 -19.03 3.21
CA ARG D 80 0.35 -18.88 2.24
C ARG D 80 0.53 -19.83 1.06
N LEU D 81 1.77 -20.04 0.61
CA LEU D 81 2.03 -20.97 -0.48
C LEU D 81 1.68 -22.40 -0.11
N ALA D 82 1.99 -22.80 1.13
CA ALA D 82 1.64 -24.13 1.59
C ALA D 82 0.14 -24.28 1.78
N HIS D 83 -0.53 -23.19 2.18
CA HIS D 83 -1.98 -23.26 2.39
C HIS D 83 -2.74 -23.29 1.06
N TYR D 84 -2.21 -22.64 0.02
CA TYR D 84 -2.87 -22.64 -1.27
C TYR D 84 -2.82 -24.01 -1.93
N ASN D 85 -1.78 -24.79 -1.67
CA ASN D 85 -1.57 -26.08 -2.30
C ASN D 85 -2.04 -27.24 -1.44
N LYS D 86 -2.75 -26.93 -0.36
CA LYS D 86 -3.28 -27.91 0.60
C LYS D 86 -2.21 -28.79 1.24
N ARG D 87 -1.04 -28.20 1.52
CA ARG D 87 0.01 -28.90 2.16
C ARG D 87 0.14 -28.50 3.58
N SER D 88 0.69 -29.35 4.37
CA SER D 88 0.74 -29.13 5.81
C SER D 88 2.16 -28.87 6.31
N THR D 89 3.14 -28.81 5.41
CA THR D 89 4.51 -28.60 5.83
C THR D 89 5.15 -27.51 4.99
N ILE D 90 6.06 -26.76 5.59
CA ILE D 90 6.87 -25.77 4.89
C ILE D 90 8.23 -26.43 4.62
N THR D 91 8.55 -26.58 3.35
CA THR D 91 9.83 -27.13 2.93
C THR D 91 10.69 -26.02 2.32
N SER D 92 11.88 -26.41 1.87
CA SER D 92 12.77 -25.44 1.24
C SER D 92 12.27 -25.01 -0.13
N ARG D 93 11.41 -25.82 -0.76
CA ARG D 93 10.78 -25.42 -2.02
C ARG D 93 9.82 -24.25 -1.80
N GLU D 94 9.08 -24.26 -0.70
CA GLU D 94 8.19 -23.14 -0.36
C GLU D 94 8.99 -21.88 -0.06
N ILE D 95 10.12 -22.02 0.64
CA ILE D 95 10.97 -20.87 0.96
C ILE D 95 11.61 -20.33 -0.31
N GLN D 96 11.99 -21.21 -1.24
CA GLN D 96 12.55 -20.79 -2.52
C GLN D 96 11.53 -20.02 -3.35
N THR D 97 10.29 -20.52 -3.40
CA THR D 97 9.24 -19.82 -4.14
C THR D 97 8.87 -18.49 -3.47
N ALA D 98 8.91 -18.44 -2.14
CA ALA D 98 8.63 -17.20 -1.43
C ALA D 98 9.73 -16.16 -1.66
N VAL D 99 10.97 -16.62 -1.75
CA VAL D 99 12.09 -15.72 -2.09
C VAL D 99 11.93 -15.21 -3.52
N ARG D 100 11.51 -16.09 -4.43
CA ARG D 100 11.29 -15.69 -5.82
C ARG D 100 10.15 -14.67 -5.95
N LEU D 101 9.09 -14.84 -5.18
CA LEU D 101 7.96 -13.91 -5.24
C LEU D 101 8.29 -12.58 -4.57
N LEU D 102 8.96 -12.64 -3.42
CA LEU D 102 9.17 -11.43 -2.62
C LEU D 102 10.30 -10.58 -3.18
N LEU D 103 11.48 -11.15 -3.33
CA LEU D 103 12.65 -10.38 -3.67
C LEU D 103 12.68 -10.05 -5.16
N PRO D 104 13.15 -8.85 -5.53
CA PRO D 104 13.33 -8.52 -6.95
C PRO D 104 14.48 -9.28 -7.59
N GLY D 105 14.65 -9.12 -8.91
CA GLY D 105 15.32 -10.07 -9.79
C GLY D 105 16.67 -10.64 -9.42
N GLU D 106 17.72 -9.83 -9.42
CA GLU D 106 19.06 -10.36 -9.17
C GLU D 106 19.24 -10.65 -7.69
N LEU D 107 18.52 -9.91 -6.85
CA LEU D 107 18.48 -10.20 -5.42
C LEU D 107 17.91 -11.58 -5.16
N ALA D 108 16.78 -11.90 -5.83
CA ALA D 108 16.17 -13.21 -5.69
C ALA D 108 17.04 -14.31 -6.28
N LYS D 109 17.74 -14.00 -7.38
CA LYS D 109 18.63 -14.98 -7.99
C LYS D 109 19.79 -15.36 -7.07
N HIS D 110 20.43 -14.35 -6.47
CA HIS D 110 21.55 -14.64 -5.58
C HIS D 110 21.09 -15.23 -4.25
N ALA D 111 19.89 -14.86 -3.78
CA ALA D 111 19.37 -15.47 -2.55
C ALA D 111 18.99 -16.93 -2.77
N VAL D 112 18.46 -17.25 -3.96
CA VAL D 112 18.18 -18.63 -4.31
C VAL D 112 19.48 -19.43 -4.42
N SER D 113 20.52 -18.79 -4.93
CA SER D 113 21.82 -19.43 -5.04
C SER D 113 22.35 -19.77 -3.65
N GLU D 114 22.30 -18.79 -2.74
CA GLU D 114 22.77 -19.00 -1.37
C GLU D 114 21.96 -20.06 -0.62
N GLY D 115 20.64 -20.03 -0.77
CA GLY D 115 19.81 -21.03 -0.11
C GLY D 115 20.04 -22.44 -0.64
N THR D 116 20.19 -22.57 -1.96
CA THR D 116 20.47 -23.86 -2.57
C THR D 116 21.83 -24.40 -2.13
N LYS D 117 22.85 -23.53 -2.09
CA LYS D 117 24.18 -23.96 -1.68
C LYS D 117 24.19 -24.37 -0.20
N ALA D 118 23.46 -23.65 0.64
CA ALA D 118 23.41 -23.99 2.06
C ALA D 118 22.66 -25.29 2.31
N VAL D 119 21.55 -25.53 1.59
CA VAL D 119 20.82 -26.77 1.76
C VAL D 119 21.62 -27.96 1.24
N THR D 120 22.33 -27.77 0.12
CA THR D 120 23.21 -28.81 -0.41
C THR D 120 24.36 -29.13 0.55
N LYS D 121 24.87 -28.10 1.21
CA LYS D 121 25.95 -28.28 2.19
C LYS D 121 25.45 -28.91 3.49
N TYR D 122 24.21 -28.62 3.86
CA TYR D 122 23.62 -29.16 5.09
C TYR D 122 23.24 -30.63 4.93
N THR D 123 22.69 -31.01 3.78
CA THR D 123 22.36 -32.41 3.56
C THR D 123 23.54 -33.16 2.94
N SER D 124 24.72 -33.02 3.55
CA SER D 124 25.90 -33.78 3.15
C SER D 124 26.76 -34.13 4.36
N SER D 125 26.27 -33.85 5.56
CA SER D 125 27.02 -34.11 6.78
C SER D 125 26.08 -34.47 7.93
N PRO E 39 24.53 47.12 3.66
CA PRO E 39 25.42 46.02 4.00
C PRO E 39 25.52 44.98 2.89
N HIS E 40 25.56 43.70 3.27
CA HIS E 40 25.62 42.60 2.33
C HIS E 40 24.38 41.75 2.50
N ARG E 41 23.70 41.44 1.40
CA ARG E 41 22.49 40.65 1.41
C ARG E 41 22.55 39.58 0.35
N TYR E 42 21.95 38.42 0.64
CA TYR E 42 21.87 37.33 -0.32
C TYR E 42 20.56 37.41 -1.08
N ARG E 43 20.60 36.98 -2.34
CA ARG E 43 19.40 36.99 -3.16
C ARG E 43 18.46 35.87 -2.72
N PRO E 44 17.15 36.06 -2.91
CA PRO E 44 16.20 34.99 -2.53
C PRO E 44 16.39 33.74 -3.38
N GLY E 45 16.34 32.59 -2.71
CA GLY E 45 16.63 31.32 -3.32
C GLY E 45 18.07 30.85 -3.14
N THR E 46 18.98 31.74 -2.78
CA THR E 46 20.37 31.33 -2.55
C THR E 46 20.50 30.71 -1.15
N VAL E 47 19.97 31.38 -0.14
CA VAL E 47 19.94 30.82 1.21
C VAL E 47 18.99 29.62 1.25
N ALA E 48 17.89 29.68 0.50
CA ALA E 48 16.93 28.59 0.45
C ALA E 48 17.47 27.34 -0.23
N LEU E 49 18.49 27.47 -1.09
CA LEU E 49 19.12 26.31 -1.68
C LEU E 49 20.19 25.73 -0.77
N ARG E 50 20.90 26.58 -0.04
CA ARG E 50 21.88 26.10 0.93
C ARG E 50 21.20 25.47 2.13
N GLU E 51 19.95 25.86 2.41
CA GLU E 51 19.19 25.18 3.45
C GLU E 51 18.75 23.79 2.99
N ILE E 52 18.42 23.64 1.72
CA ILE E 52 18.12 22.32 1.16
C ILE E 52 19.36 21.44 1.22
N ARG E 53 20.52 22.00 0.84
CA ARG E 53 21.76 21.24 0.87
C ARG E 53 22.21 20.93 2.30
N ARG E 54 21.79 21.75 3.27
CA ARG E 54 22.18 21.51 4.66
C ARG E 54 21.28 20.49 5.33
N TYR E 55 19.96 20.60 5.17
CA TYR E 55 19.05 19.72 5.86
C TYR E 55 18.87 18.37 5.19
N GLN E 56 19.31 18.21 3.95
CA GLN E 56 19.26 16.90 3.31
C GLN E 56 20.45 16.03 3.65
N LYS E 57 21.55 16.62 4.11
CA LYS E 57 22.72 15.86 4.53
C LYS E 57 22.73 15.55 6.02
N SER E 58 21.99 16.32 6.81
CA SER E 58 21.82 16.06 8.23
C SER E 58 20.77 14.97 8.44
N THR E 59 20.81 14.34 9.62
CA THR E 59 19.93 13.21 9.91
C THR E 59 18.97 13.41 11.07
N GLU E 60 19.15 14.42 11.92
CA GLU E 60 18.41 14.45 13.17
C GLU E 60 16.99 14.99 12.94
N LEU E 61 16.25 15.10 14.04
CA LEU E 61 14.87 15.54 13.97
C LEU E 61 14.80 17.05 13.78
N LEU E 62 13.78 17.49 13.06
CA LEU E 62 13.63 18.90 12.69
C LEU E 62 12.59 19.63 13.53
N ILE E 63 11.69 18.91 14.18
CA ILE E 63 10.72 19.49 15.11
C ILE E 63 11.30 19.39 16.51
N ARG E 64 11.04 20.42 17.33
CA ARG E 64 11.44 20.41 18.72
C ARG E 64 10.73 19.28 19.47
N LYS E 65 11.42 18.70 20.45
CA LYS E 65 10.96 17.46 21.08
C LYS E 65 9.76 17.72 21.99
N LEU E 66 9.84 18.74 22.84
CA LEU E 66 8.80 19.02 23.82
C LEU E 66 7.46 19.46 23.21
N PRO E 67 7.39 20.36 22.21
CA PRO E 67 6.06 20.61 21.59
C PRO E 67 5.44 19.40 20.90
N PHE E 68 6.26 18.53 20.30
CA PHE E 68 5.72 17.33 19.70
C PHE E 68 5.22 16.35 20.76
N GLN E 69 5.93 16.25 21.88
CA GLN E 69 5.48 15.40 22.99
C GLN E 69 4.17 15.91 23.57
N ARG E 70 4.05 17.24 23.73
CA ARG E 70 2.80 17.81 24.22
C ARG E 70 1.65 17.61 23.23
N LEU E 71 1.93 17.71 21.94
CA LEU E 71 0.92 17.46 20.92
C LEU E 71 0.48 15.99 20.93
N VAL E 72 1.42 15.08 21.12
CA VAL E 72 1.11 13.65 21.17
C VAL E 72 0.24 13.33 22.38
N ARG E 73 0.57 13.91 23.53
CA ARG E 73 -0.23 13.68 24.73
C ARG E 73 -1.62 14.32 24.62
N GLU E 74 -1.71 15.50 23.99
CA GLU E 74 -2.99 16.15 23.75
C GLU E 74 -3.89 15.31 22.84
N ILE E 75 -3.31 14.75 21.78
CA ILE E 75 -4.08 13.92 20.85
C ILE E 75 -4.51 12.62 21.52
N ALA E 76 -3.62 12.02 22.31
CA ALA E 76 -3.93 10.73 22.92
C ALA E 76 -4.89 10.86 24.09
N GLN E 77 -5.00 12.05 24.69
CA GLN E 77 -5.97 12.23 25.77
C GLN E 77 -7.42 12.19 25.29
N ASP E 78 -7.66 12.34 23.99
CA ASP E 78 -9.00 12.20 23.44
C ASP E 78 -9.41 10.75 23.22
N PHE E 79 -8.48 9.81 23.32
CA PHE E 79 -8.77 8.39 23.17
C PHE E 79 -8.83 7.66 24.50
N LYS E 80 -7.87 7.90 25.39
CA LYS E 80 -7.86 7.28 26.71
C LYS E 80 -7.22 8.24 27.69
N THR E 81 -7.92 8.51 28.80
CA THR E 81 -7.41 9.41 29.82
C THR E 81 -6.34 8.72 30.66
N ASP E 82 -5.45 9.55 31.24
CA ASP E 82 -4.37 9.13 32.14
C ASP E 82 -3.42 8.13 31.48
N LEU E 83 -3.16 8.28 30.21
CA LEU E 83 -2.23 7.40 29.54
C LEU E 83 -0.87 7.84 29.78
N ARG E 84 0.10 6.95 29.67
CA ARG E 84 1.48 7.36 29.90
C ARG E 84 2.46 6.74 28.90
N PHE E 85 2.93 7.53 27.95
CA PHE E 85 3.85 7.01 27.01
C PHE E 85 5.23 6.81 27.45
N GLN E 86 6.00 5.93 26.87
CA GLN E 86 7.43 5.85 27.07
C GLN E 86 8.13 6.93 26.24
N SER E 87 9.41 7.17 26.56
CA SER E 87 10.20 8.12 25.78
C SER E 87 10.43 7.61 24.37
N SER E 88 10.66 6.31 24.21
CA SER E 88 10.90 5.73 22.90
C SER E 88 9.63 5.71 22.05
N ALA E 89 8.46 5.67 22.67
CA ALA E 89 7.21 5.73 21.92
C ALA E 89 7.02 7.10 21.26
N VAL E 90 7.25 8.17 22.03
CA VAL E 90 7.19 9.52 21.49
C VAL E 90 8.29 9.74 20.46
N MET E 91 9.46 9.14 20.70
CA MET E 91 10.58 9.26 19.75
C MET E 91 10.24 8.60 18.42
N ALA E 92 9.67 7.38 18.47
CA ALA E 92 9.26 6.68 17.26
C ALA E 92 8.16 7.40 16.52
N LEU E 93 7.21 7.99 17.29
CA LEU E 93 6.17 8.81 16.69
C LEU E 93 6.75 10.02 15.97
N GLN E 94 7.80 10.63 16.55
CA GLN E 94 8.39 11.79 15.92
C GLN E 94 9.14 11.44 14.64
N GLU E 95 9.91 10.34 14.63
CA GLU E 95 10.58 9.94 13.39
C GLU E 95 9.58 9.55 12.31
N ALA E 96 8.49 8.87 12.69
CA ALA E 96 7.47 8.49 11.73
C ALA E 96 6.78 9.71 11.13
N CYS E 97 6.41 10.68 11.97
CA CYS E 97 5.71 11.87 11.50
C CYS E 97 6.62 12.74 10.65
N GLU E 98 7.88 12.88 11.03
CA GLU E 98 8.81 13.69 10.26
C GLU E 98 9.13 13.05 8.91
N ALA E 99 9.27 11.72 8.87
CA ALA E 99 9.50 11.04 7.60
C ALA E 99 8.29 11.16 6.68
N TYR E 100 7.08 11.03 7.23
CA TYR E 100 5.86 11.18 6.45
C TYR E 100 5.74 12.59 5.90
N LEU E 101 6.03 13.60 6.72
CA LEU E 101 5.92 14.99 6.28
C LEU E 101 6.98 15.32 5.23
N VAL E 102 8.20 14.80 5.40
CA VAL E 102 9.26 15.05 4.42
C VAL E 102 8.91 14.42 3.07
N GLY E 103 8.44 13.17 3.08
CA GLY E 103 8.07 12.50 1.83
C GLY E 103 6.89 13.17 1.14
N LEU E 104 5.91 13.64 1.94
CA LEU E 104 4.82 14.42 1.37
C LEU E 104 5.31 15.75 0.81
N PHE E 105 6.38 16.31 1.39
CA PHE E 105 6.93 17.54 0.84
C PHE E 105 7.65 17.31 -0.48
N GLU E 106 8.30 16.15 -0.65
CA GLU E 106 8.85 15.83 -1.98
C GLU E 106 7.75 15.64 -3.01
N ASP E 107 6.66 14.97 -2.64
CA ASP E 107 5.54 14.80 -3.57
C ASP E 107 4.86 16.13 -3.88
N THR E 108 4.77 17.00 -2.88
CA THR E 108 4.24 18.35 -3.07
C THR E 108 5.12 19.19 -3.99
N ASN E 109 6.44 19.05 -3.85
CA ASN E 109 7.37 19.76 -4.73
C ASN E 109 7.26 19.28 -6.16
N LEU E 110 7.06 17.96 -6.35
CA LEU E 110 6.85 17.44 -7.70
C LEU E 110 5.55 17.96 -8.31
N CYS E 111 4.50 18.07 -7.49
CA CYS E 111 3.23 18.64 -7.96
C CYS E 111 3.39 20.12 -8.31
N ALA E 112 4.20 20.85 -7.54
CA ALA E 112 4.43 22.27 -7.82
C ALA E 112 5.23 22.46 -9.11
N ILE E 113 6.24 21.63 -9.32
CA ILE E 113 7.07 21.72 -10.54
C ILE E 113 6.27 21.30 -11.77
N HIS E 114 5.32 20.38 -11.60
CA HIS E 114 4.46 19.97 -12.72
C HIS E 114 3.57 21.12 -13.19
N ALA E 115 3.19 22.02 -12.28
CA ALA E 115 2.37 23.17 -12.63
C ALA E 115 3.20 24.38 -13.04
N LYS E 116 4.47 24.17 -13.38
CA LYS E 116 5.42 25.22 -13.80
C LYS E 116 5.56 26.30 -12.72
N ARG E 117 5.78 25.86 -11.49
CA ARG E 117 5.96 26.75 -10.35
C ARG E 117 7.14 26.26 -9.53
N VAL E 118 7.62 27.13 -8.64
CA VAL E 118 8.59 26.74 -7.63
C VAL E 118 8.06 26.95 -6.21
N THR E 119 6.90 27.58 -6.05
CA THR E 119 6.27 27.77 -4.75
C THR E 119 5.25 26.66 -4.54
N ILE E 120 5.41 25.91 -3.46
CA ILE E 120 4.42 24.89 -3.13
C ILE E 120 3.21 25.55 -2.53
N MET E 121 2.03 25.02 -2.82
CA MET E 121 0.76 25.58 -2.43
C MET E 121 -0.10 24.48 -1.83
N PRO E 122 -1.15 24.83 -1.07
CA PRO E 122 -2.04 23.79 -0.52
C PRO E 122 -2.72 22.90 -1.56
N LYS E 123 -2.94 23.40 -2.78
CA LYS E 123 -3.48 22.56 -3.84
C LYS E 123 -2.50 21.46 -4.23
N ASP E 124 -1.20 21.71 -4.11
CA ASP E 124 -0.20 20.67 -4.38
C ASP E 124 -0.23 19.58 -3.31
N ILE E 125 -0.39 19.98 -2.04
CA ILE E 125 -0.53 19.02 -0.95
C ILE E 125 -1.79 18.19 -1.14
N GLN E 126 -2.90 18.83 -1.51
CA GLN E 126 -4.14 18.12 -1.73
C GLN E 126 -4.05 17.15 -2.91
N LEU E 127 -3.38 17.56 -3.99
CA LEU E 127 -3.21 16.66 -5.13
C LEU E 127 -2.33 15.47 -4.80
N ALA E 128 -1.23 15.71 -4.06
CA ALA E 128 -0.34 14.62 -3.68
C ALA E 128 -1.04 13.64 -2.74
N ARG E 129 -1.84 14.14 -1.81
CA ARG E 129 -2.56 13.26 -0.90
C ARG E 129 -3.71 12.54 -1.61
N ARG E 130 -4.19 13.14 -2.70
CA ARG E 130 -5.28 12.56 -3.48
C ARG E 130 -4.75 11.39 -4.32
N ILE E 131 -3.59 11.58 -4.92
CA ILE E 131 -2.98 10.54 -5.74
C ILE E 131 -2.41 9.42 -4.87
N ARG E 132 -1.82 9.78 -3.73
CA ARG E 132 -1.28 8.80 -2.79
C ARG E 132 -2.35 7.92 -2.15
N GLY E 133 -3.61 8.33 -2.17
CA GLY E 133 -4.67 7.59 -1.54
C GLY E 133 -5.01 8.02 -0.13
N GLU E 134 -4.41 9.12 0.35
CA GLU E 134 -4.69 9.61 1.69
C GLU E 134 -6.00 10.37 1.78
N ARG E 135 -6.63 10.68 0.65
CA ARG E 135 -7.92 11.37 0.65
C ARG E 135 -8.97 10.56 -0.11
N VAL F 22 -4.56 18.78 31.50
CA VAL F 22 -5.43 19.00 30.35
C VAL F 22 -4.77 19.98 29.38
N LEU F 23 -4.20 19.44 28.30
CA LEU F 23 -3.53 20.25 27.31
C LEU F 23 -4.52 20.72 26.25
N ARG F 24 -4.25 21.91 25.70
CA ARG F 24 -5.11 22.47 24.66
C ARG F 24 -4.28 23.38 23.77
N ASP F 25 -4.54 23.28 22.46
CA ASP F 25 -3.90 24.07 21.39
C ASP F 25 -2.38 23.86 21.46
N ASN F 26 -1.98 22.66 21.04
CA ASN F 26 -0.58 22.30 20.94
C ASN F 26 -0.13 22.03 19.52
N ILE F 27 -1.04 22.08 18.54
CA ILE F 27 -0.66 21.98 17.15
C ILE F 27 0.08 23.25 16.70
N GLN F 28 -0.13 24.38 17.39
CA GLN F 28 0.62 25.60 17.12
C GLN F 28 2.07 25.49 17.57
N GLY F 29 2.42 24.51 18.40
CA GLY F 29 3.80 24.27 18.77
C GLY F 29 4.64 23.71 17.65
N ILE F 30 4.01 23.17 16.60
CA ILE F 30 4.70 22.80 15.38
C ILE F 30 4.87 24.09 14.60
N THR F 31 5.98 24.78 14.82
CA THR F 31 6.14 26.15 14.38
C THR F 31 6.38 26.22 12.88
N LYS F 32 6.24 27.44 12.35
CA LYS F 32 6.57 27.71 10.96
C LYS F 32 8.03 27.40 10.59
N PRO F 33 9.07 27.74 11.39
CA PRO F 33 10.43 27.27 11.02
C PRO F 33 10.60 25.77 11.00
N ALA F 34 9.87 25.02 11.84
CA ALA F 34 9.96 23.56 11.79
C ALA F 34 9.38 23.00 10.50
N ILE F 35 8.25 23.55 10.05
CA ILE F 35 7.66 23.15 8.77
C ILE F 35 8.56 23.55 7.62
N ARG F 36 9.24 24.71 7.74
CA ARG F 36 10.18 25.13 6.71
C ARG F 36 11.40 24.21 6.65
N ARG F 37 11.88 23.74 7.80
CA ARG F 37 12.98 22.77 7.82
C ARG F 37 12.56 21.44 7.20
N LEU F 38 11.33 20.99 7.51
CA LEU F 38 10.82 19.76 6.91
C LEU F 38 10.62 19.89 5.41
N ALA F 39 10.34 21.12 4.93
CA ALA F 39 10.26 21.34 3.49
C ALA F 39 11.65 21.39 2.86
N ARG F 40 12.63 21.96 3.57
CA ARG F 40 14.00 22.00 3.06
C ARG F 40 14.60 20.61 2.95
N ARG F 41 14.30 19.72 3.91
CA ARG F 41 14.74 18.34 3.78
C ARG F 41 14.00 17.62 2.65
N GLY F 42 12.77 18.02 2.38
CA GLY F 42 12.03 17.51 1.24
C GLY F 42 12.40 18.11 -0.09
N GLY F 43 13.29 19.10 -0.11
CA GLY F 43 13.76 19.68 -1.35
C GLY F 43 12.98 20.86 -1.86
N VAL F 44 12.28 21.58 -0.98
CA VAL F 44 11.39 22.66 -1.40
C VAL F 44 12.13 23.98 -1.30
N LYS F 45 12.09 24.77 -2.38
CA LYS F 45 12.77 26.05 -2.45
C LYS F 45 11.92 27.22 -1.96
N ARG F 46 10.69 27.29 -2.45
CA ARG F 46 9.75 28.33 -2.06
C ARG F 46 8.56 27.73 -1.33
N ILE F 47 8.05 28.44 -0.33
CA ILE F 47 6.92 27.95 0.46
C ILE F 47 5.89 29.06 0.57
N SER F 48 4.64 28.76 0.23
CA SER F 48 3.57 29.73 0.37
C SER F 48 3.18 29.88 1.84
N GLY F 49 2.44 30.96 2.12
CA GLY F 49 2.05 31.27 3.48
C GLY F 49 0.94 30.40 4.03
N LEU F 50 0.12 29.82 3.16
CA LEU F 50 -0.96 28.94 3.59
C LEU F 50 -0.56 27.49 3.69
N ILE F 51 0.72 27.19 3.48
CA ILE F 51 1.23 25.82 3.56
C ILE F 51 1.21 25.34 5.01
N TYR F 52 1.49 26.23 5.96
CA TYR F 52 1.74 25.84 7.34
C TYR F 52 0.48 25.31 8.03
N GLU F 53 -0.66 25.97 7.82
CA GLU F 53 -1.91 25.49 8.42
C GLU F 53 -2.34 24.15 7.81
N GLU F 54 -2.15 24.00 6.50
CA GLU F 54 -2.43 22.74 5.83
C GLU F 54 -1.54 21.61 6.35
N THR F 55 -0.26 21.91 6.57
CA THR F 55 0.67 20.92 7.10
C THR F 55 0.34 20.55 8.53
N ARG F 56 -0.10 21.52 9.33
CA ARG F 56 -0.56 21.23 10.69
C ARG F 56 -1.78 20.32 10.69
N GLY F 57 -2.73 20.56 9.78
CA GLY F 57 -3.89 19.68 9.67
C GLY F 57 -3.54 18.27 9.22
N VAL F 58 -2.63 18.17 8.24
CA VAL F 58 -2.23 16.85 7.73
C VAL F 58 -1.47 16.05 8.79
N LEU F 59 -0.54 16.72 9.48
CA LEU F 59 0.21 16.09 10.56
C LEU F 59 -0.72 15.69 11.70
N LYS F 60 -1.73 16.51 12.00
CA LYS F 60 -2.72 16.17 13.01
C LYS F 60 -3.49 14.92 12.64
N VAL F 61 -3.97 14.82 11.40
CA VAL F 61 -4.77 13.66 10.97
C VAL F 61 -3.95 12.38 11.01
N PHE F 62 -2.70 12.45 10.54
CA PHE F 62 -1.78 11.32 10.59
C PHE F 62 -1.51 10.88 12.03
N LEU F 63 -1.34 11.87 12.92
CA LEU F 63 -1.07 11.57 14.32
C LEU F 63 -2.26 10.92 15.02
N GLU F 64 -3.49 11.38 14.75
CA GLU F 64 -4.64 10.71 15.37
C GLU F 64 -4.83 9.30 14.84
N ASN F 65 -4.55 9.05 13.55
CA ASN F 65 -4.65 7.68 13.04
C ASN F 65 -3.65 6.74 13.71
N VAL F 66 -2.37 7.14 13.75
CA VAL F 66 -1.33 6.30 14.34
C VAL F 66 -1.51 6.14 15.84
N ILE F 67 -1.88 7.22 16.52
CA ILE F 67 -2.06 7.18 17.97
C ILE F 67 -3.30 6.37 18.34
N ARG F 68 -4.36 6.43 17.52
CA ARG F 68 -5.55 5.62 17.77
C ARG F 68 -5.25 4.13 17.66
N ASP F 69 -4.48 3.74 16.64
CA ASP F 69 -4.09 2.34 16.53
C ASP F 69 -3.17 1.91 17.66
N ALA F 70 -2.25 2.79 18.07
CA ALA F 70 -1.33 2.47 19.16
C ALA F 70 -2.07 2.34 20.50
N VAL F 71 -3.06 3.20 20.74
CA VAL F 71 -3.85 3.12 21.97
C VAL F 71 -4.73 1.88 21.96
N THR F 72 -5.24 1.47 20.79
CA THR F 72 -5.97 0.20 20.71
C THR F 72 -5.06 -0.99 21.04
N TYR F 73 -3.83 -0.98 20.52
CA TYR F 73 -2.86 -2.02 20.83
C TYR F 73 -2.47 -2.01 22.31
N THR F 74 -2.46 -0.83 22.93
CA THR F 74 -2.14 -0.72 24.35
C THR F 74 -3.28 -1.23 25.21
N GLU F 75 -4.52 -0.86 24.87
CA GLU F 75 -5.68 -1.28 25.65
C GLU F 75 -5.95 -2.78 25.52
N HIS F 76 -5.53 -3.39 24.41
CA HIS F 76 -5.67 -4.84 24.32
C HIS F 76 -4.71 -5.55 25.29
N ALA F 77 -3.57 -4.94 25.57
CA ALA F 77 -2.56 -5.52 26.46
C ALA F 77 -2.83 -5.24 27.91
N LYS F 78 -3.95 -4.59 28.21
CA LYS F 78 -4.37 -4.23 29.57
C LYS F 78 -3.31 -3.37 30.26
N ARG F 79 -2.71 -2.46 29.50
CA ARG F 79 -1.68 -1.57 29.99
C ARG F 79 -2.19 -0.13 29.97
N LYS F 80 -1.68 0.66 30.90
CA LYS F 80 -1.90 2.09 30.90
C LYS F 80 -0.73 2.85 30.29
N THR F 81 0.34 2.17 29.90
CA THR F 81 1.52 2.77 29.32
C THR F 81 1.61 2.41 27.85
N VAL F 82 1.67 3.42 26.99
CA VAL F 82 1.88 3.21 25.56
C VAL F 82 3.37 2.99 25.34
N THR F 83 3.73 1.84 24.80
CA THR F 83 5.12 1.49 24.55
C THR F 83 5.50 1.80 23.12
N ALA F 84 6.80 1.76 22.84
CA ALA F 84 7.28 1.97 21.48
C ALA F 84 6.90 0.82 20.56
N MET F 85 6.71 -0.36 21.13
CA MET F 85 6.37 -1.53 20.32
C MET F 85 4.96 -1.40 19.77
N ASP F 86 4.05 -0.82 20.56
CA ASP F 86 2.69 -0.55 20.10
C ASP F 86 2.68 0.45 18.96
N VAL F 87 3.54 1.47 19.04
CA VAL F 87 3.69 2.43 17.96
C VAL F 87 4.24 1.76 16.70
N VAL F 88 5.17 0.82 16.88
CA VAL F 88 5.74 0.09 15.75
C VAL F 88 4.68 -0.80 15.09
N TYR F 89 3.85 -1.48 15.88
CA TYR F 89 2.76 -2.27 15.32
C TYR F 89 1.72 -1.40 14.63
N ALA F 90 1.42 -0.22 15.19
CA ALA F 90 0.50 0.71 14.54
C ALA F 90 1.03 1.19 13.19
N LEU F 91 2.32 1.52 13.15
CA LEU F 91 2.93 1.96 11.90
C LEU F 91 3.00 0.83 10.88
N LYS F 92 3.22 -0.39 11.34
CA LYS F 92 3.29 -1.55 10.45
C LYS F 92 1.89 -1.84 9.88
N ARG F 93 0.88 -1.61 10.72
CA ARG F 93 -0.51 -1.82 10.35
C ARG F 93 -0.91 -0.83 9.27
N GLN F 94 -0.49 0.42 9.40
CA GLN F 94 -0.84 1.42 8.39
C GLN F 94 0.12 1.43 7.20
N GLY F 95 0.95 0.40 7.06
CA GLY F 95 1.81 0.30 5.90
C GLY F 95 3.02 1.23 5.92
N ARG F 96 3.35 1.73 7.11
CA ARG F 96 4.47 2.64 7.30
C ARG F 96 5.42 2.02 8.31
N THR F 97 6.05 0.93 7.90
CA THR F 97 6.97 0.16 8.75
C THR F 97 8.22 0.96 9.13
N LEU F 98 8.50 0.98 10.42
CA LEU F 98 9.58 1.78 10.99
C LEU F 98 10.65 0.88 11.57
N TYR F 99 11.89 1.10 11.16
CA TYR F 99 13.02 0.31 11.61
C TYR F 99 13.76 1.06 12.72
N GLY F 100 14.31 0.30 13.66
CA GLY F 100 15.20 0.86 14.66
C GLY F 100 14.59 1.14 16.00
N PHE F 101 13.33 0.76 16.23
CA PHE F 101 12.69 0.99 17.51
C PHE F 101 12.11 -0.30 18.10
N GLY F 102 12.70 -1.44 17.76
CA GLY F 102 12.21 -2.72 18.20
C GLY F 102 11.55 -3.50 17.07
N GLY F 103 11.31 -4.78 17.36
CA GLY F 103 10.67 -5.66 16.41
C GLY F 103 11.58 -6.07 15.26
N ALA G 13 -29.28 -35.02 21.83
CA ALA G 13 -30.45 -34.17 22.04
C ALA G 13 -30.70 -33.28 20.84
N LYS G 14 -30.99 -33.94 19.70
CA LYS G 14 -31.48 -33.38 18.43
C LYS G 14 -30.42 -32.58 17.66
N ALA G 15 -29.28 -32.31 18.30
CA ALA G 15 -28.08 -31.70 17.69
C ALA G 15 -28.38 -30.36 17.03
N LYS G 16 -28.74 -29.38 17.86
CA LYS G 16 -28.95 -28.03 17.37
C LYS G 16 -27.62 -27.35 17.09
N SER G 17 -27.50 -26.44 16.14
CA SER G 17 -26.21 -25.88 15.82
C SER G 17 -25.91 -24.68 16.53
N ARG G 18 -24.68 -24.29 16.40
CA ARG G 18 -24.16 -23.17 17.17
C ARG G 18 -24.62 -21.83 16.62
N SER G 19 -24.88 -21.75 15.31
CA SER G 19 -25.39 -20.53 14.72
C SER G 19 -26.79 -20.22 15.22
N SER G 20 -27.63 -21.24 15.37
CA SER G 20 -28.95 -21.03 15.95
C SER G 20 -28.88 -20.73 17.43
N ARG G 21 -27.83 -21.22 18.11
CA ARG G 21 -27.60 -20.85 19.50
C ARG G 21 -27.23 -19.37 19.63
N ALA G 22 -26.41 -18.88 18.70
CA ALA G 22 -26.03 -17.48 18.68
C ALA G 22 -27.02 -16.61 17.92
N GLY G 23 -28.03 -17.19 17.31
CA GLY G 23 -28.99 -16.44 16.52
C GLY G 23 -28.42 -15.83 15.26
N LEU G 24 -27.57 -16.57 14.55
CA LEU G 24 -26.88 -16.07 13.37
C LEU G 24 -27.29 -16.88 12.14
N GLN G 25 -26.90 -16.37 10.98
CA GLN G 25 -27.03 -17.09 9.72
C GLN G 25 -25.70 -17.64 9.23
N PHE G 26 -24.61 -16.93 9.48
CA PHE G 26 -23.29 -17.40 9.12
C PHE G 26 -22.87 -18.54 10.03
N PRO G 27 -22.11 -19.52 9.53
CA PRO G 27 -21.84 -20.73 10.31
C PRO G 27 -20.78 -20.51 11.38
N VAL G 28 -21.13 -20.81 12.62
CA VAL G 28 -20.14 -20.76 13.70
C VAL G 28 -19.16 -21.93 13.56
N GLY G 29 -19.68 -23.11 13.20
CA GLY G 29 -18.83 -24.30 13.12
C GLY G 29 -17.81 -24.25 11.99
N ARG G 30 -18.23 -23.77 10.82
CA ARG G 30 -17.30 -23.67 9.70
C ARG G 30 -16.25 -22.59 9.96
N VAL G 31 -16.64 -21.49 10.59
CA VAL G 31 -15.69 -20.43 10.94
C VAL G 31 -14.71 -20.93 11.99
N HIS G 32 -15.18 -21.74 12.94
CA HIS G 32 -14.30 -22.39 13.91
C HIS G 32 -13.32 -23.34 13.24
N ARG G 33 -13.78 -24.09 12.25
CA ARG G 33 -12.90 -25.02 11.55
C ARG G 33 -11.87 -24.29 10.70
N LEU G 34 -12.27 -23.19 10.06
CA LEU G 34 -11.32 -22.40 9.27
C LEU G 34 -10.33 -21.66 10.16
N LEU G 35 -10.76 -21.24 11.35
CA LEU G 35 -9.85 -20.61 12.29
C LEU G 35 -8.87 -21.62 12.88
N ARG G 36 -9.34 -22.86 13.08
CA ARG G 36 -8.47 -23.90 13.63
C ARG G 36 -7.43 -24.35 12.61
N LYS G 37 -7.86 -24.63 11.39
CA LYS G 37 -6.96 -25.18 10.38
C LYS G 37 -6.25 -24.11 9.55
N GLY G 38 -6.58 -22.85 9.75
CA GLY G 38 -5.98 -21.78 8.97
C GLY G 38 -4.63 -21.28 9.44
N ASN G 39 -4.05 -21.94 10.46
CA ASN G 39 -2.73 -21.64 11.02
C ASN G 39 -2.67 -20.21 11.56
N TYR G 40 -3.59 -19.90 12.48
CA TYR G 40 -3.62 -18.60 13.13
C TYR G 40 -3.17 -18.63 14.58
N ALA G 41 -3.48 -19.70 15.31
CA ALA G 41 -3.06 -19.82 16.69
C ALA G 41 -3.05 -21.30 17.07
N GLU G 42 -2.51 -21.58 18.26
CA GLU G 42 -2.53 -22.95 18.76
C GLU G 42 -3.93 -23.37 19.18
N ARG G 43 -4.69 -22.45 19.80
CA ARG G 43 -6.04 -22.72 20.25
C ARG G 43 -6.99 -21.63 19.75
N VAL G 44 -8.27 -22.00 19.67
CA VAL G 44 -9.35 -21.06 19.36
C VAL G 44 -10.34 -21.11 20.51
N GLY G 45 -10.68 -19.95 21.05
CA GLY G 45 -11.35 -19.84 22.32
C GLY G 45 -12.85 -20.04 22.34
N ALA G 46 -13.45 -20.52 21.25
CA ALA G 46 -14.83 -20.99 21.12
C ALA G 46 -15.90 -19.91 21.28
N GLY G 47 -15.53 -18.67 21.58
CA GLY G 47 -16.43 -17.54 21.50
C GLY G 47 -15.97 -16.65 20.38
N ALA G 48 -14.72 -16.84 19.98
CA ALA G 48 -14.17 -16.16 18.80
C ALA G 48 -14.89 -16.48 17.49
N PRO G 49 -15.26 -17.74 17.16
CA PRO G 49 -16.06 -17.93 15.93
C PRO G 49 -17.43 -17.30 15.97
N VAL G 50 -18.04 -17.16 17.15
CA VAL G 50 -19.34 -16.51 17.27
C VAL G 50 -19.20 -15.02 16.94
N TYR G 51 -18.18 -14.39 17.50
CA TYR G 51 -17.90 -12.97 17.22
C TYR G 51 -17.55 -12.75 15.76
N MET G 52 -16.72 -13.63 15.21
CA MET G 52 -16.31 -13.53 13.82
C MET G 52 -17.50 -13.68 12.88
N ALA G 53 -18.32 -14.69 13.11
CA ALA G 53 -19.49 -14.93 12.29
C ALA G 53 -20.49 -13.78 12.38
N ALA G 54 -20.63 -13.20 13.57
CA ALA G 54 -21.51 -12.03 13.73
C ALA G 54 -21.00 -10.83 12.95
N VAL G 55 -19.68 -10.59 12.99
CA VAL G 55 -19.10 -9.45 12.26
C VAL G 55 -19.22 -9.65 10.76
N LEU G 56 -18.95 -10.88 10.28
CA LEU G 56 -19.10 -11.19 8.85
C LEU G 56 -20.55 -11.06 8.40
N GLU G 57 -21.49 -11.51 9.24
CA GLU G 57 -22.91 -11.40 8.90
C GLU G 57 -23.37 -9.96 8.88
N TYR G 58 -22.87 -9.12 9.81
CA TYR G 58 -23.23 -7.71 9.81
C TYR G 58 -22.71 -6.99 8.58
N LEU G 59 -21.45 -7.27 8.20
CA LEU G 59 -20.88 -6.61 7.03
C LEU G 59 -21.58 -7.06 5.75
N THR G 60 -21.89 -8.35 5.66
CA THR G 60 -22.64 -8.87 4.52
C THR G 60 -24.04 -8.26 4.45
N ALA G 61 -24.70 -8.10 5.59
CA ALA G 61 -26.04 -7.53 5.60
C ALA G 61 -26.03 -6.05 5.22
N GLU G 62 -25.03 -5.31 5.68
CA GLU G 62 -24.92 -3.89 5.34
C GLU G 62 -24.66 -3.69 3.85
N ILE G 63 -23.72 -4.47 3.29
CA ILE G 63 -23.40 -4.38 1.87
C ILE G 63 -24.58 -4.81 1.02
N LEU G 64 -25.26 -5.89 1.41
CA LEU G 64 -26.40 -6.39 0.64
C LEU G 64 -27.59 -5.46 0.71
N GLU G 65 -27.80 -4.80 1.86
CA GLU G 65 -28.90 -3.85 1.97
C GLU G 65 -28.65 -2.61 1.12
N LEU G 66 -27.42 -2.09 1.13
CA LEU G 66 -27.10 -0.95 0.28
C LEU G 66 -27.15 -1.31 -1.20
N ALA G 67 -26.72 -2.52 -1.56
CA ALA G 67 -26.78 -2.96 -2.94
C ALA G 67 -28.22 -3.19 -3.40
N GLY G 68 -29.08 -3.72 -2.53
CA GLY G 68 -30.48 -3.86 -2.88
C GLY G 68 -31.18 -2.53 -3.02
N ASN G 69 -30.80 -1.55 -2.19
CA ASN G 69 -31.33 -0.20 -2.35
C ASN G 69 -30.89 0.42 -3.67
N ALA G 70 -29.62 0.21 -4.05
CA ALA G 70 -29.13 0.70 -5.34
C ALA G 70 -29.83 0.02 -6.50
N ALA G 71 -30.12 -1.28 -6.38
CA ALA G 71 -30.84 -1.99 -7.43
C ALA G 71 -32.29 -1.52 -7.52
N ARG G 72 -32.89 -1.16 -6.39
CA ARG G 72 -34.26 -0.64 -6.40
C ARG G 72 -34.32 0.75 -7.01
N ASP G 73 -33.31 1.59 -6.74
CA ASP G 73 -33.26 2.89 -7.39
C ASP G 73 -32.89 2.78 -8.86
N ASN G 74 -32.34 1.63 -9.25
CA ASN G 74 -31.99 1.37 -10.65
C ASN G 74 -33.11 0.57 -11.31
N LYS G 75 -34.21 0.40 -10.56
CA LYS G 75 -35.41 -0.33 -11.00
C LYS G 75 -35.09 -1.74 -11.47
N LYS G 76 -34.22 -2.42 -10.71
CA LYS G 76 -33.87 -3.81 -10.98
C LYS G 76 -34.15 -4.66 -9.76
N THR G 77 -34.68 -5.86 -10.01
CA THR G 77 -34.93 -6.81 -8.94
C THR G 77 -33.67 -7.51 -8.47
N ARG G 78 -32.79 -7.88 -9.39
CA ARG G 78 -31.60 -8.67 -9.11
C ARG G 78 -30.41 -7.76 -8.84
N ILE G 79 -29.49 -8.23 -8.00
CA ILE G 79 -28.25 -7.49 -7.72
C ILE G 79 -27.16 -8.00 -8.65
N ILE G 80 -26.53 -7.07 -9.36
CA ILE G 80 -25.39 -7.36 -10.23
C ILE G 80 -24.18 -6.71 -9.56
N PRO G 81 -22.92 -7.00 -9.96
CA PRO G 81 -21.78 -6.33 -9.30
C PRO G 81 -21.71 -4.82 -9.48
N ARG G 82 -22.42 -4.25 -10.46
CA ARG G 82 -22.53 -2.80 -10.56
C ARG G 82 -23.22 -2.22 -9.33
N HIS G 83 -24.26 -2.90 -8.84
CA HIS G 83 -24.96 -2.43 -7.65
C HIS G 83 -24.08 -2.54 -6.41
N LEU G 84 -23.24 -3.57 -6.34
CA LEU G 84 -22.28 -3.69 -5.24
C LEU G 84 -21.23 -2.59 -5.30
N GLN G 85 -20.74 -2.27 -6.50
CA GLN G 85 -19.77 -1.18 -6.64
C GLN G 85 -20.39 0.17 -6.29
N LEU G 86 -21.64 0.40 -6.72
CA LEU G 86 -22.32 1.65 -6.39
C LEU G 86 -22.63 1.75 -4.92
N ALA G 87 -22.87 0.61 -4.26
CA ALA G 87 -23.09 0.61 -2.82
C ALA G 87 -21.79 0.88 -2.06
N ILE G 88 -20.68 0.33 -2.55
CA ILE G 88 -19.43 0.41 -1.80
C ILE G 88 -18.80 1.79 -1.97
N ARG G 89 -18.77 2.29 -3.21
CA ARG G 89 -18.04 3.52 -3.50
C ARG G 89 -18.78 4.77 -3.03
N ASN G 90 -20.09 4.68 -2.82
CA ASN G 90 -20.87 5.82 -2.34
C ASN G 90 -20.84 5.97 -0.82
N ASP G 91 -20.25 5.01 -0.12
CA ASP G 91 -20.13 5.04 1.33
C ASP G 91 -18.68 5.29 1.67
N GLU G 92 -18.41 6.20 2.60
CA GLU G 92 -17.03 6.54 2.92
C GLU G 92 -16.33 5.42 3.68
N GLU G 93 -17.04 4.83 4.65
CA GLU G 93 -16.44 3.77 5.46
C GLU G 93 -16.25 2.49 4.65
N LEU G 94 -17.21 2.16 3.78
CA LEU G 94 -17.08 0.97 2.95
C LEU G 94 -15.98 1.14 1.91
N ASN G 95 -15.82 2.35 1.39
CA ASN G 95 -14.73 2.60 0.45
C ASN G 95 -13.39 2.64 1.15
N LYS G 96 -13.37 3.05 2.41
CA LYS G 96 -12.13 3.00 3.19
C LYS G 96 -11.75 1.56 3.51
N LEU G 97 -12.74 0.71 3.77
CA LEU G 97 -12.47 -0.70 4.03
C LEU G 97 -11.98 -1.42 2.78
N LEU G 98 -12.49 -1.05 1.61
CA LEU G 98 -12.13 -1.73 0.36
C LEU G 98 -11.48 -0.77 -0.62
N GLY G 99 -10.51 0.03 -0.15
CA GLY G 99 -9.83 0.96 -1.02
C GLY G 99 -8.94 0.29 -2.05
N LYS G 100 -8.22 -0.75 -1.64
CA LYS G 100 -7.31 -1.47 -2.52
C LYS G 100 -7.95 -2.72 -3.12
N VAL G 101 -9.26 -2.66 -3.38
CA VAL G 101 -10.04 -3.82 -3.80
C VAL G 101 -10.71 -3.49 -5.13
N THR G 102 -10.52 -4.38 -6.11
CA THR G 102 -11.16 -4.27 -7.41
C THR G 102 -12.37 -5.20 -7.45
N ILE G 103 -13.52 -4.66 -7.80
CA ILE G 103 -14.75 -5.43 -7.98
C ILE G 103 -14.92 -5.68 -9.47
N ALA G 104 -15.01 -6.94 -9.86
CA ALA G 104 -15.12 -7.29 -11.28
C ALA G 104 -16.50 -6.96 -11.79
N GLN G 105 -16.55 -6.41 -13.02
CA GLN G 105 -17.77 -5.93 -13.69
C GLN G 105 -18.55 -4.93 -12.85
N GLY G 106 -17.83 -4.06 -12.14
CA GLY G 106 -18.46 -3.09 -11.27
C GLY G 106 -18.43 -1.68 -11.84
N GLY G 107 -17.52 -1.42 -12.77
CA GLY G 107 -17.42 -0.10 -13.35
C GLY G 107 -16.82 0.91 -12.39
N VAL G 108 -17.16 2.18 -12.64
CA VAL G 108 -16.72 3.28 -11.81
C VAL G 108 -17.93 4.16 -11.49
N LEU G 109 -17.73 5.08 -10.56
CA LEU G 109 -18.75 6.07 -10.25
C LEU G 109 -18.84 7.07 -11.39
N PRO G 110 -20.04 7.55 -11.71
CA PRO G 110 -20.17 8.66 -12.68
C PRO G 110 -19.64 9.95 -12.09
N ASN G 111 -18.50 10.42 -12.58
CA ASN G 111 -17.86 11.60 -12.01
C ASN G 111 -17.07 12.32 -13.10
N ILE G 112 -17.57 13.47 -13.53
CA ILE G 112 -16.87 14.34 -14.46
C ILE G 112 -16.41 15.57 -13.67
N GLN G 113 -15.16 15.95 -13.85
CA GLN G 113 -14.61 17.11 -13.16
C GLN G 113 -15.27 18.40 -13.66
N ALA G 114 -15.35 19.39 -12.78
CA ALA G 114 -16.20 20.55 -13.04
C ALA G 114 -15.61 21.48 -14.10
N VAL G 115 -14.28 21.44 -14.27
CA VAL G 115 -13.63 22.28 -15.26
C VAL G 115 -13.95 21.80 -16.67
N LEU G 116 -14.13 20.49 -16.85
CA LEU G 116 -14.30 19.92 -18.17
C LEU G 116 -15.66 20.21 -18.78
N LEU G 117 -16.63 20.65 -17.98
CA LEU G 117 -17.94 20.97 -18.52
C LEU G 117 -17.86 22.28 -19.30
N PRO G 118 -18.76 22.47 -20.29
CA PRO G 118 -18.73 23.70 -21.09
C PRO G 118 -19.20 24.90 -20.29
N LYS G 119 -18.85 26.09 -20.82
CA LYS G 119 -19.12 27.41 -20.24
C LYS G 119 -18.59 27.54 -18.80
N ARG H 32 -15.89 -35.67 -8.64
CA ARG H 32 -15.64 -34.26 -8.44
C ARG H 32 -15.20 -34.02 -6.98
N SER H 33 -15.18 -32.79 -6.49
CA SER H 33 -14.66 -32.62 -5.15
C SER H 33 -15.21 -31.68 -4.07
N ARG H 34 -16.51 -31.47 -3.99
CA ARG H 34 -17.13 -30.63 -2.95
C ARG H 34 -16.40 -29.40 -2.36
N LYS H 35 -16.31 -28.33 -3.15
CA LYS H 35 -15.77 -27.05 -2.73
C LYS H 35 -16.87 -26.23 -2.07
N GLU H 36 -16.58 -25.72 -0.88
CA GLU H 36 -17.54 -24.99 -0.08
C GLU H 36 -17.46 -23.49 -0.36
N SER H 37 -18.54 -22.79 -0.04
CA SER H 37 -18.64 -21.36 -0.26
C SER H 37 -19.57 -20.77 0.78
N TYR H 38 -19.90 -19.49 0.62
CA TYR H 38 -20.84 -18.80 1.51
C TYR H 38 -22.14 -18.43 0.80
N SER H 39 -22.48 -19.13 -0.29
CA SER H 39 -23.57 -18.68 -1.15
C SER H 39 -24.92 -18.81 -0.48
N ILE H 40 -25.16 -19.92 0.22
CA ILE H 40 -26.44 -20.11 0.90
C ILE H 40 -26.56 -19.17 2.09
N TYR H 41 -25.43 -18.84 2.71
CA TYR H 41 -25.43 -17.97 3.89
C TYR H 41 -25.70 -16.53 3.48
N VAL H 42 -25.02 -16.08 2.41
CA VAL H 42 -25.24 -14.75 1.87
C VAL H 42 -26.65 -14.63 1.30
N TYR H 43 -27.17 -15.72 0.72
CA TYR H 43 -28.54 -15.70 0.21
C TYR H 43 -29.57 -15.64 1.35
N LYS H 44 -29.30 -16.32 2.46
CA LYS H 44 -30.17 -16.23 3.63
C LYS H 44 -30.17 -14.83 4.21
N VAL H 45 -28.99 -14.20 4.28
CA VAL H 45 -28.87 -12.81 4.74
C VAL H 45 -29.60 -11.87 3.81
N LEU H 46 -29.47 -12.08 2.49
CA LEU H 46 -30.13 -11.24 1.50
C LEU H 46 -31.65 -11.36 1.57
N LYS H 47 -32.16 -12.57 1.72
CA LYS H 47 -33.60 -12.75 1.87
C LYS H 47 -34.11 -12.30 3.23
N GLN H 48 -33.24 -12.18 4.22
CA GLN H 48 -33.57 -11.56 5.49
C GLN H 48 -33.66 -10.03 5.39
N VAL H 49 -32.75 -9.38 4.67
CA VAL H 49 -32.77 -7.92 4.59
C VAL H 49 -33.52 -7.39 3.36
N HIS H 50 -33.82 -8.24 2.39
CA HIS H 50 -34.53 -7.83 1.17
C HIS H 50 -35.32 -9.02 0.65
N PRO H 51 -36.53 -9.23 1.18
CA PRO H 51 -37.28 -10.44 0.77
C PRO H 51 -38.08 -10.26 -0.52
N ASP H 52 -37.52 -9.54 -1.48
CA ASP H 52 -37.98 -9.50 -2.86
C ASP H 52 -36.83 -9.50 -3.85
N THR H 53 -35.61 -9.27 -3.40
CA THR H 53 -34.47 -8.96 -4.25
C THR H 53 -33.59 -10.19 -4.40
N GLY H 54 -33.33 -10.57 -5.65
CA GLY H 54 -32.45 -11.68 -5.96
C GLY H 54 -31.01 -11.24 -6.08
N ILE H 55 -30.18 -12.13 -6.63
CA ILE H 55 -28.76 -11.85 -6.80
C ILE H 55 -28.28 -12.69 -7.98
N SER H 56 -27.21 -12.24 -8.61
CA SER H 56 -26.62 -12.98 -9.72
C SER H 56 -25.47 -13.86 -9.22
N SER H 57 -24.95 -14.67 -10.13
CA SER H 57 -23.84 -15.56 -9.80
C SER H 57 -22.55 -14.76 -9.62
N LYS H 58 -22.36 -13.74 -10.45
CA LYS H 58 -21.18 -12.89 -10.37
C LYS H 58 -21.17 -12.10 -9.07
N ALA H 59 -22.31 -11.55 -8.68
CA ALA H 59 -22.42 -10.84 -7.40
C ALA H 59 -22.25 -11.78 -6.22
N MET H 60 -22.67 -13.03 -6.35
CA MET H 60 -22.39 -14.02 -5.32
C MET H 60 -20.89 -14.32 -5.24
N GLY H 61 -20.20 -14.34 -6.37
CA GLY H 61 -18.75 -14.50 -6.34
C GLY H 61 -18.06 -13.33 -5.68
N ILE H 62 -18.55 -12.11 -5.92
CA ILE H 62 -18.03 -10.91 -5.25
C ILE H 62 -18.26 -11.01 -3.74
N MET H 63 -19.44 -11.47 -3.33
CA MET H 63 -19.74 -11.58 -1.91
C MET H 63 -18.91 -12.66 -1.23
N ASN H 64 -18.68 -13.79 -1.91
CA ASN H 64 -17.82 -14.83 -1.35
C ASN H 64 -16.38 -14.35 -1.21
N SER H 65 -15.87 -13.62 -2.21
CA SER H 65 -14.54 -13.05 -2.13
C SER H 65 -14.44 -12.04 -1.00
N PHE H 66 -15.50 -11.25 -0.79
CA PHE H 66 -15.53 -10.26 0.28
C PHE H 66 -15.48 -10.93 1.65
N VAL H 67 -16.27 -11.97 1.84
CA VAL H 67 -16.33 -12.66 3.13
C VAL H 67 -15.00 -13.36 3.42
N ASN H 68 -14.40 -13.99 2.40
CA ASN H 68 -13.11 -14.65 2.59
C ASN H 68 -12.00 -13.64 2.88
N ASP H 69 -12.02 -12.49 2.20
CA ASP H 69 -11.00 -11.47 2.40
C ASP H 69 -11.08 -10.85 3.79
N ILE H 70 -12.31 -10.54 4.25
CA ILE H 70 -12.48 -9.95 5.58
C ILE H 70 -12.19 -10.98 6.67
N PHE H 71 -12.51 -12.26 6.42
CA PHE H 71 -12.15 -13.34 7.33
C PHE H 71 -10.63 -13.43 7.48
N GLU H 72 -9.91 -13.37 6.36
CA GLU H 72 -8.45 -13.45 6.40
C GLU H 72 -7.86 -12.25 7.11
N ARG H 73 -8.41 -11.06 6.89
CA ARG H 73 -7.89 -9.85 7.54
C ARG H 73 -8.10 -9.87 9.04
N ILE H 74 -9.33 -10.20 9.48
CA ILE H 74 -9.63 -10.21 10.91
C ILE H 74 -8.88 -11.34 11.62
N ALA H 75 -8.79 -12.51 10.98
CA ALA H 75 -8.08 -13.63 11.59
C ALA H 75 -6.58 -13.39 11.65
N GLY H 76 -6.00 -12.75 10.63
CA GLY H 76 -4.59 -12.41 10.68
C GLY H 76 -4.27 -11.35 11.73
N GLU H 77 -5.15 -10.35 11.86
CA GLU H 77 -4.94 -9.33 12.89
C GLU H 77 -5.09 -9.91 14.29
N ALA H 78 -6.05 -10.84 14.47
CA ALA H 78 -6.21 -11.49 15.77
C ALA H 78 -5.04 -12.42 16.07
N SER H 79 -4.49 -13.07 15.04
CA SER H 79 -3.31 -13.91 15.22
C SER H 79 -2.11 -13.09 15.64
N ARG H 80 -1.93 -11.92 15.01
CA ARG H 80 -0.84 -11.02 15.40
C ARG H 80 -1.05 -10.48 16.81
N LEU H 81 -2.30 -10.17 17.17
CA LEU H 81 -2.61 -9.69 18.51
C LEU H 81 -2.33 -10.74 19.57
N ALA H 82 -2.63 -12.01 19.27
CA ALA H 82 -2.31 -13.08 20.20
C ALA H 82 -0.80 -13.31 20.28
N HIS H 83 -0.09 -13.14 19.16
CA HIS H 83 1.35 -13.37 19.15
C HIS H 83 2.09 -12.26 19.89
N TYR H 84 1.56 -11.04 19.88
CA TYR H 84 2.25 -9.91 20.52
C TYR H 84 2.23 -10.03 22.03
N ASN H 85 1.12 -10.51 22.59
CA ASN H 85 0.92 -10.55 24.03
C ASN H 85 1.30 -11.88 24.66
N LYS H 86 2.05 -12.71 23.93
CA LYS H 86 2.47 -14.06 24.34
C LYS H 86 1.28 -14.92 24.77
N ARG H 87 0.28 -14.98 23.89
CA ARG H 87 -0.92 -15.78 24.11
C ARG H 87 -1.01 -16.84 23.01
N SER H 88 -1.44 -18.04 23.38
CA SER H 88 -1.53 -19.13 22.42
C SER H 88 -2.97 -19.42 22.01
N THR H 89 -3.92 -18.58 22.37
CA THR H 89 -5.30 -18.77 21.99
C THR H 89 -5.87 -17.49 21.40
N ILE H 90 -6.89 -17.64 20.57
CA ILE H 90 -7.64 -16.51 20.01
C ILE H 90 -9.02 -16.54 20.66
N THR H 91 -9.32 -15.50 21.42
CA THR H 91 -10.61 -15.37 22.08
C THR H 91 -11.41 -14.26 21.41
N SER H 92 -12.59 -13.99 21.95
CA SER H 92 -13.44 -12.94 21.39
C SER H 92 -12.90 -11.55 21.70
N ARG H 93 -12.00 -11.44 22.69
CA ARG H 93 -11.34 -10.16 22.93
C ARG H 93 -10.38 -9.81 21.81
N GLU H 94 -9.63 -10.80 21.32
CA GLU H 94 -8.74 -10.59 20.18
C GLU H 94 -9.53 -10.22 18.93
N ILE H 95 -10.68 -10.87 18.73
CA ILE H 95 -11.52 -10.58 17.57
C ILE H 95 -12.13 -9.20 17.67
N GLN H 96 -12.53 -8.79 18.88
CA GLN H 96 -13.07 -7.45 19.10
C GLN H 96 -12.02 -6.37 18.85
N THR H 97 -10.80 -6.60 19.34
CA THR H 97 -9.71 -5.65 19.09
C THR H 97 -9.34 -5.58 17.61
N ALA H 98 -9.33 -6.73 16.93
CA ALA H 98 -9.06 -6.75 15.50
C ALA H 98 -10.13 -6.00 14.72
N VAL H 99 -11.40 -6.19 15.08
CA VAL H 99 -12.51 -5.48 14.44
C VAL H 99 -12.40 -3.99 14.69
N ARG H 100 -11.94 -3.60 15.88
CA ARG H 100 -11.65 -2.19 16.16
C ARG H 100 -10.48 -1.68 15.33
N LEU H 101 -9.57 -2.56 14.92
CA LEU H 101 -8.41 -2.10 14.14
C LEU H 101 -8.71 -1.98 12.65
N LEU H 102 -9.21 -3.05 12.00
CA LEU H 102 -9.44 -2.99 10.56
C LEU H 102 -10.60 -2.08 10.19
N LEU H 103 -11.72 -2.21 10.89
CA LEU H 103 -12.91 -1.52 10.40
C LEU H 103 -12.91 -0.04 10.78
N PRO H 104 -13.43 0.83 9.90
CA PRO H 104 -13.58 2.24 10.25
C PRO H 104 -14.67 2.48 11.28
N GLY H 105 -14.81 3.72 11.76
CA GLY H 105 -15.45 4.07 13.02
C GLY H 105 -16.82 3.52 13.37
N GLU H 106 -17.87 3.95 12.68
CA GLU H 106 -19.21 3.48 13.01
C GLU H 106 -19.41 2.04 12.54
N LEU H 107 -18.70 1.66 11.48
CA LEU H 107 -18.66 0.27 11.04
C LEU H 107 -18.10 -0.64 12.14
N ALA H 108 -17.00 -0.21 12.75
CA ALA H 108 -16.40 -0.97 13.85
C ALA H 108 -17.30 -0.96 15.07
N LYS H 109 -17.98 0.16 15.34
CA LYS H 109 -18.86 0.24 16.51
C LYS H 109 -20.05 -0.70 16.38
N HIS H 110 -20.68 -0.72 15.21
CA HIS H 110 -21.84 -1.60 15.01
C HIS H 110 -21.42 -3.06 14.92
N ALA H 111 -20.23 -3.34 14.36
CA ALA H 111 -19.75 -4.72 14.31
C ALA H 111 -19.40 -5.23 15.71
N VAL H 112 -18.84 -4.36 16.55
CA VAL H 112 -18.55 -4.73 17.93
C VAL H 112 -19.85 -4.98 18.70
N SER H 113 -20.87 -4.17 18.45
CA SER H 113 -22.18 -4.38 19.08
C SER H 113 -22.80 -5.72 18.64
N GLU H 114 -22.71 -6.03 17.35
CA GLU H 114 -23.25 -7.29 16.84
C GLU H 114 -22.50 -8.50 17.40
N GLY H 115 -21.18 -8.42 17.45
CA GLY H 115 -20.39 -9.52 17.99
C GLY H 115 -20.62 -9.74 19.48
N THR H 116 -20.71 -8.64 20.26
CA THR H 116 -20.98 -8.76 21.69
C THR H 116 -22.37 -9.32 21.94
N LYS H 117 -23.36 -8.89 21.15
CA LYS H 117 -24.71 -9.43 21.27
C LYS H 117 -24.76 -10.92 20.95
N ALA H 118 -24.03 -11.34 19.91
CA ALA H 118 -24.04 -12.76 19.54
C ALA H 118 -23.33 -13.62 20.58
N VAL H 119 -22.20 -13.14 21.12
CA VAL H 119 -21.47 -13.91 22.13
C VAL H 119 -22.28 -13.98 23.43
N THR H 120 -22.98 -12.90 23.78
CA THR H 120 -23.86 -12.91 24.95
C THR H 120 -25.03 -13.88 24.76
N LYS H 121 -25.61 -13.92 23.56
CA LYS H 121 -26.70 -14.85 23.30
C LYS H 121 -26.22 -16.31 23.27
N TYR H 122 -25.00 -16.54 22.77
CA TYR H 122 -24.46 -17.89 22.73
C TYR H 122 -24.11 -18.40 24.12
N THR H 123 -23.56 -17.51 24.97
CA THR H 123 -23.24 -17.91 26.33
C THR H 123 -24.49 -18.11 27.16
N SER H 124 -25.48 -17.23 27.00
CA SER H 124 -26.71 -17.32 27.79
C SER H 124 -27.60 -18.47 27.36
N SER H 125 -27.29 -19.10 26.23
CA SER H 125 -28.07 -20.23 25.72
C SER H 125 -27.16 -21.36 25.27
N LYS H 126 -26.45 -21.95 26.22
CA LYS H 126 -25.53 -23.06 25.95
C LYS H 126 -24.59 -22.75 24.79
N GLU K 21 -17.16 16.72 22.63
CA GLU K 21 -16.39 16.67 21.39
C GLU K 21 -17.24 17.05 20.20
N VAL K 22 -18.25 16.24 19.90
CA VAL K 22 -19.10 16.45 18.75
C VAL K 22 -20.12 17.54 19.06
N GLN K 23 -20.15 18.58 18.24
CA GLN K 23 -21.11 19.65 18.38
C GLN K 23 -21.48 20.17 17.00
N LEU K 24 -22.71 20.69 16.89
CA LEU K 24 -23.24 21.25 15.65
C LEU K 24 -23.69 22.68 15.94
N GLN K 25 -22.88 23.64 15.54
CA GLN K 25 -23.18 25.04 15.83
C GLN K 25 -24.15 25.60 14.81
N GLN K 26 -25.23 26.22 15.29
CA GLN K 26 -26.25 26.83 14.46
C GLN K 26 -26.39 28.30 14.82
N SER K 27 -26.95 29.06 13.90
CA SER K 27 -27.06 30.51 14.05
C SER K 27 -28.22 30.89 14.97
N GLY K 28 -28.46 32.19 15.09
CA GLY K 28 -29.55 32.68 15.90
C GLY K 28 -30.86 32.69 15.16
N PRO K 29 -31.87 33.29 15.78
CA PRO K 29 -33.20 33.33 15.15
C PRO K 29 -33.24 34.31 13.99
N GLU K 30 -34.18 34.07 13.08
CA GLU K 30 -34.35 34.87 11.89
C GLU K 30 -35.76 35.46 11.86
N LEU K 31 -35.85 36.75 11.57
CA LEU K 31 -37.11 37.46 11.35
C LEU K 31 -37.14 37.83 9.87
N VAL K 32 -37.79 36.99 9.05
CA VAL K 32 -37.69 37.13 7.61
C VAL K 32 -39.02 37.61 7.04
N GLU K 33 -38.93 38.47 6.03
CA GLU K 33 -40.11 38.95 5.32
C GLU K 33 -40.44 37.84 4.32
N PRO K 34 -41.73 37.65 4.03
CA PRO K 34 -42.11 36.56 3.11
C PRO K 34 -41.73 36.86 1.67
N GLY K 35 -41.51 35.78 0.91
CA GLY K 35 -41.10 35.87 -0.47
C GLY K 35 -39.61 35.91 -0.70
N THR K 36 -38.82 36.04 0.35
CA THR K 36 -37.37 36.08 0.26
C THR K 36 -36.79 34.67 0.45
N SER K 37 -35.48 34.59 0.62
CA SER K 37 -34.78 33.34 0.87
C SER K 37 -33.90 33.50 2.08
N VAL K 38 -33.72 32.40 2.82
CA VAL K 38 -32.95 32.42 4.07
C VAL K 38 -31.92 31.29 4.05
N LYS K 39 -30.72 31.63 4.50
CA LYS K 39 -29.62 30.69 4.58
C LYS K 39 -29.48 30.23 6.02
N MET K 40 -29.11 28.97 6.20
CA MET K 40 -28.96 28.36 7.52
C MET K 40 -27.61 27.66 7.60
N PRO K 41 -26.73 28.04 8.51
CA PRO K 41 -25.46 27.33 8.68
C PRO K 41 -25.55 26.23 9.71
N CYS K 42 -24.73 25.20 9.49
CA CYS K 42 -24.59 24.03 10.36
C CYS K 42 -23.12 23.68 10.54
N LYS K 43 -22.34 24.67 11.01
CA LYS K 43 -20.91 24.47 11.28
C LYS K 43 -20.68 23.34 12.27
N ALA K 44 -19.81 22.40 11.89
CA ALA K 44 -19.61 21.15 12.60
C ALA K 44 -18.17 21.03 13.07
N SER K 45 -17.98 20.30 14.17
CA SER K 45 -16.67 20.08 14.74
C SER K 45 -16.70 18.81 15.58
N GLY K 46 -15.51 18.33 15.91
CA GLY K 46 -15.35 17.18 16.80
C GLY K 46 -15.38 15.83 16.12
N TYR K 47 -15.53 15.78 14.80
CA TYR K 47 -15.59 14.50 14.09
C TYR K 47 -15.14 14.72 12.66
N THR K 48 -14.86 13.61 11.97
CA THR K 48 -14.54 13.65 10.55
C THR K 48 -15.78 14.03 9.77
N PHE K 49 -15.75 15.20 9.14
CA PHE K 49 -16.97 15.85 8.64
C PHE K 49 -17.55 15.10 7.44
N THR K 50 -16.70 14.52 6.61
CA THR K 50 -17.18 13.91 5.36
C THR K 50 -17.84 12.56 5.58
N SER K 51 -17.60 11.92 6.72
CA SER K 51 -18.05 10.54 6.92
C SER K 51 -19.46 10.44 7.49
N TYR K 52 -20.12 11.56 7.75
CA TYR K 52 -21.44 11.57 8.37
C TYR K 52 -22.36 12.48 7.57
N THR K 53 -23.56 11.99 7.26
CA THR K 53 -24.58 12.83 6.67
C THR K 53 -25.09 13.85 7.68
N ILE K 54 -25.58 14.97 7.17
CA ILE K 54 -26.26 15.98 7.97
C ILE K 54 -27.71 16.01 7.52
N GLN K 55 -28.62 15.73 8.46
CA GLN K 55 -30.05 15.74 8.23
C GLN K 55 -30.62 17.07 8.71
N TRP K 56 -31.75 17.46 8.14
CA TRP K 56 -32.43 18.69 8.54
C TRP K 56 -33.86 18.36 8.92
N VAL K 57 -34.26 18.78 10.13
CA VAL K 57 -35.60 18.55 10.65
C VAL K 57 -36.23 19.89 10.97
N LYS K 58 -37.47 20.07 10.55
CA LYS K 58 -38.25 21.26 10.83
C LYS K 58 -39.21 20.89 11.96
N GLN K 59 -39.48 21.84 12.85
CA GLN K 59 -40.35 21.58 14.00
C GLN K 59 -41.30 22.74 14.17
N THR K 60 -42.59 22.47 14.01
CA THR K 60 -43.70 23.38 14.24
C THR K 60 -44.54 22.83 15.39
N PRO K 61 -45.21 23.69 16.16
CA PRO K 61 -46.09 23.17 17.22
C PRO K 61 -47.38 22.53 16.71
N ARG K 62 -47.66 22.61 15.41
CA ARG K 62 -48.89 22.05 14.88
C ARG K 62 -48.68 20.73 14.13
N GLN K 63 -47.58 20.57 13.39
CA GLN K 63 -47.29 19.31 12.72
C GLN K 63 -46.19 18.51 13.42
N GLY K 64 -45.61 19.05 14.49
CA GLY K 64 -44.53 18.34 15.13
C GLY K 64 -43.25 18.43 14.32
N LEU K 65 -42.40 17.43 14.48
CA LEU K 65 -41.14 17.37 13.73
C LEU K 65 -41.37 16.73 12.37
N GLU K 66 -40.76 17.33 11.35
CA GLU K 66 -40.83 16.84 9.98
C GLU K 66 -39.42 16.76 9.41
N TRP K 67 -39.06 15.59 8.88
CA TRP K 67 -37.76 15.40 8.25
C TRP K 67 -37.77 16.05 6.88
N ILE K 68 -36.76 16.87 6.59
CA ILE K 68 -36.70 17.60 5.33
C ILE K 68 -35.82 16.85 4.34
N GLY K 69 -34.57 16.62 4.71
CA GLY K 69 -33.65 15.94 3.81
C GLY K 69 -32.30 15.80 4.45
N TYR K 70 -31.35 15.33 3.66
CA TYR K 70 -29.99 15.19 4.14
C TYR K 70 -28.99 15.45 3.02
N ILE K 71 -27.80 15.86 3.44
CA ILE K 71 -26.64 16.05 2.59
C ILE K 71 -25.53 15.12 3.06
N TYR K 72 -24.88 14.46 2.11
CA TYR K 72 -23.71 13.64 2.40
C TYR K 72 -22.49 14.38 1.89
N PRO K 73 -21.61 14.88 2.78
CA PRO K 73 -20.45 15.64 2.30
C PRO K 73 -19.37 14.79 1.65
N TYR K 74 -19.47 13.46 1.70
CA TYR K 74 -18.48 12.63 1.03
C TYR K 74 -18.60 12.73 -0.48
N ASN K 75 -19.83 12.68 -1.00
CA ASN K 75 -20.07 12.82 -2.43
C ASN K 75 -21.03 13.96 -2.74
N ALA K 76 -21.34 14.81 -1.74
CA ALA K 76 -22.35 15.87 -1.80
C ALA K 76 -23.70 15.32 -2.26
N GLY K 77 -24.07 14.17 -1.69
CA GLY K 77 -25.29 13.51 -2.10
C GLY K 77 -26.52 14.03 -1.39
N THR K 78 -27.52 14.49 -2.14
CA THR K 78 -28.71 15.07 -1.59
C THR K 78 -29.85 14.06 -1.56
N LYS K 79 -30.72 14.19 -0.57
CA LYS K 79 -32.01 13.53 -0.65
C LYS K 79 -33.04 14.34 0.14
N TYR K 80 -34.16 14.66 -0.49
CA TYR K 80 -35.16 15.54 0.10
C TYR K 80 -36.48 14.79 0.30
N ASN K 81 -37.29 15.31 1.20
CA ASN K 81 -38.67 14.87 1.32
C ASN K 81 -39.47 15.36 0.12
N GLU K 82 -40.56 14.66 -0.18
CA GLU K 82 -41.36 15.00 -1.36
C GLU K 82 -42.10 16.31 -1.16
N LYS K 83 -42.51 16.62 0.06
CA LYS K 83 -43.21 17.87 0.32
C LYS K 83 -42.25 19.05 0.46
N PHE K 84 -40.94 18.80 0.59
CA PHE K 84 -39.94 19.85 0.63
C PHE K 84 -39.08 19.88 -0.62
N LYS K 85 -39.47 19.17 -1.68
CA LYS K 85 -38.67 19.12 -2.89
C LYS K 85 -38.80 20.44 -3.65
N GLY K 86 -37.65 21.06 -3.94
CA GLY K 86 -37.63 22.37 -4.58
C GLY K 86 -37.71 23.54 -3.61
N LYS K 87 -38.51 23.40 -2.55
CA LYS K 87 -38.62 24.45 -1.54
C LYS K 87 -37.37 24.54 -0.68
N ALA K 88 -36.65 23.43 -0.51
CA ALA K 88 -35.45 23.39 0.31
C ALA K 88 -34.26 22.99 -0.54
N THR K 89 -33.09 23.56 -0.25
CA THR K 89 -31.88 23.24 -1.00
C THR K 89 -30.72 23.06 -0.04
N LEU K 90 -30.05 21.92 -0.09
CA LEU K 90 -28.95 21.63 0.82
C LEU K 90 -27.62 21.70 0.08
N THR K 91 -26.63 22.33 0.72
CA THR K 91 -25.29 22.46 0.16
C THR K 91 -24.27 22.18 1.25
N SER K 92 -23.07 21.82 0.83
CA SER K 92 -21.99 21.50 1.75
C SER K 92 -20.72 22.23 1.33
N ASP K 93 -19.91 22.63 2.31
CA ASP K 93 -18.63 23.27 2.07
C ASP K 93 -17.64 22.55 2.98
N LYS K 94 -16.72 21.80 2.37
CA LYS K 94 -15.79 20.96 3.13
C LYS K 94 -14.60 21.72 3.66
N SER K 95 -14.34 22.93 3.15
CA SER K 95 -13.19 23.70 3.62
C SER K 95 -13.43 24.23 5.03
N SER K 96 -14.61 24.80 5.27
CA SER K 96 -14.96 25.32 6.59
C SER K 96 -15.80 24.34 7.39
N SER K 97 -16.04 23.14 6.87
CA SER K 97 -16.82 22.07 7.50
C SER K 97 -18.24 22.53 7.84
N THR K 98 -18.91 23.14 6.85
CA THR K 98 -20.18 23.78 7.08
C THR K 98 -21.24 23.20 6.15
N VAL K 99 -22.47 23.12 6.64
CA VAL K 99 -23.62 22.66 5.87
C VAL K 99 -24.61 23.80 5.81
N TYR K 100 -25.01 24.18 4.60
CA TYR K 100 -25.90 25.29 4.38
C TYR K 100 -27.27 24.79 3.89
N MET K 101 -28.30 25.46 4.36
CA MET K 101 -29.69 25.13 4.05
C MET K 101 -30.38 26.37 3.51
N GLU K 102 -30.96 26.26 2.32
CA GLU K 102 -31.59 27.38 1.64
C GLU K 102 -33.10 27.16 1.62
N LEU K 103 -33.84 28.16 2.10
CA LEU K 103 -35.30 28.18 1.94
C LEU K 103 -35.68 29.36 1.07
N SER K 104 -36.37 29.07 -0.03
CA SER K 104 -36.81 30.09 -0.98
C SER K 104 -38.32 30.10 -1.06
N SER K 105 -38.86 31.27 -1.41
CA SER K 105 -40.31 31.54 -1.51
C SER K 105 -41.02 31.23 -0.21
N LEU K 106 -40.68 32.00 0.82
CA LEU K 106 -41.15 31.76 2.18
C LEU K 106 -42.65 31.99 2.32
N THR K 107 -43.39 30.89 2.49
CA THR K 107 -44.82 30.91 2.78
C THR K 107 -44.96 31.22 4.27
N SER K 108 -46.11 31.78 4.66
CA SER K 108 -46.35 32.21 6.04
C SER K 108 -46.30 31.06 7.04
N GLU K 109 -46.51 29.82 6.59
CA GLU K 109 -46.30 28.65 7.43
C GLU K 109 -44.86 28.13 7.49
N ASP K 110 -43.90 29.04 7.61
CA ASP K 110 -42.49 28.69 7.78
C ASP K 110 -41.93 29.08 9.13
N SER K 111 -42.76 29.64 10.02
CA SER K 111 -42.31 30.01 11.37
C SER K 111 -42.11 28.74 12.16
N ALA K 112 -40.87 28.24 12.20
CA ALA K 112 -40.59 26.95 12.79
C ALA K 112 -39.13 26.93 13.23
N VAL K 113 -38.79 25.92 14.03
CA VAL K 113 -37.42 25.73 14.50
C VAL K 113 -36.75 24.68 13.62
N TYR K 114 -35.59 25.03 13.08
CA TYR K 114 -34.88 24.15 12.16
C TYR K 114 -33.64 23.61 12.85
N TYR K 115 -33.57 22.28 12.96
CA TYR K 115 -32.43 21.58 13.54
C TYR K 115 -31.66 20.88 12.44
N CYS K 116 -30.34 20.89 12.56
CA CYS K 116 -29.48 20.03 11.75
C CYS K 116 -28.86 18.99 12.67
N ALA K 117 -28.87 17.74 12.24
CA ALA K 117 -28.44 16.63 13.06
C ALA K 117 -27.43 15.77 12.31
N ARG K 118 -26.48 15.23 13.04
CA ARG K 118 -25.49 14.31 12.47
C ARG K 118 -26.11 12.91 12.40
N LYS K 119 -25.81 12.18 11.33
CA LYS K 119 -26.23 10.79 11.23
C LYS K 119 -25.25 10.07 10.32
N SER K 120 -24.73 8.93 10.78
CA SER K 120 -23.79 8.19 9.95
C SER K 120 -24.49 7.55 8.75
N SER K 121 -23.69 7.20 7.74
CA SER K 121 -24.22 6.56 6.55
C SER K 121 -24.64 5.11 6.78
N ARG K 122 -24.31 4.54 7.93
CA ARG K 122 -24.79 3.22 8.30
C ARG K 122 -26.29 3.25 8.53
N LEU K 123 -26.96 2.17 8.12
CA LEU K 123 -28.41 2.13 8.20
C LEU K 123 -28.89 2.00 9.64
N ARG K 124 -28.10 1.33 10.48
CA ARG K 124 -28.45 1.18 11.89
C ARG K 124 -28.34 2.50 12.64
N SER K 125 -27.42 3.36 12.23
CA SER K 125 -27.17 4.63 12.91
C SER K 125 -28.36 5.58 12.74
N THR K 126 -28.47 6.50 13.69
CA THR K 126 -29.59 7.44 13.72
C THR K 126 -29.10 8.88 13.85
N LEU K 127 -30.04 9.81 14.00
CA LEU K 127 -29.72 11.22 14.23
C LEU K 127 -29.24 11.36 15.66
N ASP K 128 -27.95 11.15 15.89
CA ASP K 128 -27.45 11.03 17.26
C ASP K 128 -27.22 12.38 17.94
N TYR K 129 -26.50 13.29 17.27
CA TYR K 129 -26.19 14.60 17.83
C TYR K 129 -26.92 15.67 17.03
N TRP K 130 -27.60 16.57 17.71
CA TRP K 130 -28.43 17.58 17.09
C TRP K 130 -27.86 18.96 17.34
N GLY K 131 -28.22 19.89 16.47
CA GLY K 131 -27.88 21.28 16.67
C GLY K 131 -28.91 21.99 17.55
N GLN K 132 -28.58 23.23 17.92
CA GLN K 132 -29.48 24.00 18.79
C GLN K 132 -30.73 24.46 18.08
N GLY K 133 -30.66 24.65 16.76
CA GLY K 133 -31.84 25.01 15.99
C GLY K 133 -32.04 26.50 15.83
N THR K 134 -32.42 26.92 14.64
CA THR K 134 -32.69 28.32 14.35
C THR K 134 -34.19 28.53 14.21
N SER K 135 -34.72 29.50 14.93
CA SER K 135 -36.16 29.80 14.91
C SER K 135 -36.43 30.84 13.83
N VAL K 136 -37.15 30.45 12.79
CA VAL K 136 -37.42 31.32 11.65
C VAL K 136 -38.88 31.75 11.74
N THR K 137 -39.10 33.07 11.70
CA THR K 137 -40.44 33.64 11.80
C THR K 137 -40.71 34.49 10.58
N VAL K 138 -41.81 34.21 9.89
CA VAL K 138 -42.22 34.94 8.70
C VAL K 138 -43.04 36.15 9.15
N SER K 139 -42.62 37.34 8.72
CA SER K 139 -43.35 38.56 9.05
C SER K 139 -44.20 39.01 7.87
N ASP K 157 -46.47 7.44 2.53
CA ASP K 157 -45.41 7.22 3.51
C ASP K 157 -45.87 6.34 4.66
N ILE K 158 -45.14 6.36 5.77
CA ILE K 158 -45.42 5.54 6.92
C ILE K 158 -45.72 6.45 8.11
N LYS K 159 -46.81 6.16 8.82
CA LYS K 159 -47.21 7.01 9.94
C LYS K 159 -47.12 6.36 11.32
N MET K 160 -46.33 6.96 12.19
CA MET K 160 -46.17 6.50 13.55
C MET K 160 -47.36 6.94 14.39
N THR K 161 -48.03 5.99 15.03
CA THR K 161 -49.15 6.24 15.92
C THR K 161 -48.66 5.98 17.35
N GLN K 162 -48.69 7.02 18.17
CA GLN K 162 -48.33 6.92 19.59
C GLN K 162 -49.61 6.96 20.39
N SER K 163 -49.90 5.87 21.10
CA SER K 163 -51.19 5.72 21.78
C SER K 163 -51.43 6.71 22.91
N PRO K 164 -50.49 6.96 23.89
CA PRO K 164 -50.78 8.03 24.87
C PRO K 164 -50.33 9.38 24.35
N SER K 165 -51.27 10.30 24.21
CA SER K 165 -50.91 11.67 23.81
C SER K 165 -50.20 12.39 24.95
N SER K 166 -50.73 12.24 26.16
CA SER K 166 -50.15 12.86 27.35
C SER K 166 -50.54 12.00 28.55
N MET K 167 -49.57 11.69 29.41
CA MET K 167 -49.84 10.86 30.56
C MET K 167 -49.13 11.41 31.79
N HIS K 168 -49.64 11.03 32.97
CA HIS K 168 -49.10 11.46 34.25
C HIS K 168 -48.45 10.28 34.94
N ALA K 169 -47.26 10.48 35.48
CA ALA K 169 -46.52 9.44 36.18
C ALA K 169 -45.96 9.99 37.48
N SER K 170 -45.75 9.08 38.43
CA SER K 170 -45.24 9.47 39.74
C SER K 170 -43.72 9.50 39.71
N LEU K 171 -43.10 9.59 40.89
CA LEU K 171 -41.64 9.70 40.96
C LEU K 171 -40.96 8.34 40.78
N GLY K 172 -41.72 7.26 40.96
CA GLY K 172 -41.13 5.93 40.82
C GLY K 172 -41.98 4.94 40.06
N GLU K 173 -42.75 5.41 39.08
CA GLU K 173 -43.67 4.57 38.34
C GLU K 173 -42.94 3.99 37.12
N ARG K 174 -43.65 3.19 36.32
CA ARG K 174 -43.15 2.66 35.06
C ARG K 174 -43.87 3.33 33.91
N VAL K 175 -43.11 3.79 32.91
CA VAL K 175 -43.69 4.46 31.75
C VAL K 175 -43.50 3.57 30.52
N THR K 176 -44.58 3.32 29.80
CA THR K 176 -44.53 2.55 28.55
C THR K 176 -45.20 3.34 27.44
N ILE K 177 -44.45 3.58 26.37
CA ILE K 177 -44.91 4.36 25.22
C ILE K 177 -44.88 3.48 23.98
N THR K 178 -45.98 3.44 23.24
CA THR K 178 -46.11 2.66 22.02
C THR K 178 -45.89 3.56 20.82
N CYS K 179 -45.32 2.98 19.76
CA CYS K 179 -45.02 3.65 18.49
C CYS K 179 -45.43 2.76 17.32
N LYS K 180 -46.71 2.39 17.27
CA LYS K 180 -47.21 1.48 16.23
C LYS K 180 -47.04 2.07 14.84
N ALA K 181 -46.43 1.28 13.96
CA ALA K 181 -46.06 1.74 12.62
C ALA K 181 -47.10 1.32 11.61
N SER K 182 -47.28 2.17 10.58
CA SER K 182 -48.25 1.86 9.53
C SER K 182 -47.74 0.75 8.62
N GLN K 183 -46.43 0.70 8.39
CA GLN K 183 -45.80 -0.29 7.53
C GLN K 183 -44.77 -1.08 8.33
N ASP K 184 -43.98 -1.90 7.64
CA ASP K 184 -42.96 -2.73 8.25
C ASP K 184 -41.61 -2.06 8.11
N ILE K 185 -40.86 -2.02 9.21
CA ILE K 185 -39.47 -1.55 9.23
C ILE K 185 -38.63 -2.60 9.93
N ARG K 186 -37.41 -2.79 9.44
CA ARG K 186 -36.46 -3.74 9.98
C ARG K 186 -35.76 -3.18 11.21
N SER K 187 -36.53 -3.01 12.27
CA SER K 187 -36.06 -2.50 13.56
C SER K 187 -35.34 -1.15 13.45
N TYR K 188 -35.67 -0.35 12.44
CA TYR K 188 -35.00 0.93 12.21
C TYR K 188 -35.83 2.06 12.83
N LEU K 189 -35.87 2.05 14.15
CA LEU K 189 -36.65 3.03 14.90
C LEU K 189 -35.81 3.57 16.05
N SER K 190 -35.92 4.88 16.29
CA SER K 190 -35.16 5.57 17.31
C SER K 190 -36.12 6.34 18.22
N TRP K 191 -35.70 6.51 19.46
CA TRP K 191 -36.45 7.21 20.49
C TRP K 191 -35.66 8.42 20.95
N TYR K 192 -36.31 9.58 20.96
CA TYR K 192 -35.73 10.87 21.29
C TYR K 192 -36.50 11.54 22.41
N GLN K 193 -35.78 12.29 23.24
CA GLN K 193 -36.34 13.07 24.33
C GLN K 193 -35.99 14.54 24.11
N GLN K 194 -37.00 15.41 24.20
CA GLN K 194 -36.81 16.83 24.00
C GLN K 194 -37.37 17.61 25.17
N LYS K 195 -36.52 18.43 25.79
CA LYS K 195 -36.97 19.38 26.79
C LYS K 195 -37.63 20.57 26.11
N PRO K 196 -38.46 21.33 26.84
CA PRO K 196 -38.97 22.60 26.29
C PRO K 196 -37.84 23.58 26.02
N TRP K 197 -37.91 24.19 24.82
CA TRP K 197 -36.93 25.16 24.30
C TRP K 197 -35.51 24.59 24.26
N LYS K 198 -35.38 23.30 23.97
CA LYS K 198 -34.09 22.64 23.88
C LYS K 198 -34.06 21.72 22.67
N SER K 199 -32.86 21.29 22.30
CA SER K 199 -32.69 20.33 21.23
C SER K 199 -33.08 18.93 21.71
N PRO K 200 -33.59 18.08 20.81
CA PRO K 200 -33.89 16.70 21.19
C PRO K 200 -32.63 15.90 21.52
N LYS K 201 -32.79 14.97 22.46
CA LYS K 201 -31.71 14.11 22.91
C LYS K 201 -32.01 12.68 22.51
N THR K 202 -31.04 12.04 21.85
CA THR K 202 -31.24 10.67 21.39
C THR K 202 -31.16 9.72 22.57
N LEU K 203 -32.23 8.95 22.78
CA LEU K 203 -32.25 7.93 23.82
C LEU K 203 -31.93 6.54 23.29
N ILE K 204 -32.69 6.08 22.30
CA ILE K 204 -32.60 4.69 21.85
C ILE K 204 -32.39 4.67 20.34
N TYR K 205 -31.43 3.87 19.88
CA TYR K 205 -31.27 3.60 18.45
C TYR K 205 -31.40 2.10 18.21
N TYR K 206 -31.80 1.76 16.97
CA TYR K 206 -32.06 0.40 16.51
C TYR K 206 -33.12 -0.33 17.33
N ALA K 207 -34.00 0.44 17.99
CA ALA K 207 -35.20 0.04 18.73
C ALA K 207 -34.91 -0.70 20.03
N THR K 208 -33.66 -1.11 20.26
CA THR K 208 -33.24 -1.71 21.54
C THR K 208 -31.96 -1.13 22.10
N SER K 209 -31.05 -0.63 21.27
CA SER K 209 -29.72 -0.24 21.74
C SER K 209 -29.77 1.14 22.39
N LEU K 210 -29.01 1.31 23.47
CA LEU K 210 -28.96 2.58 24.17
C LEU K 210 -27.96 3.52 23.49
N ALA K 211 -28.27 4.81 23.53
CA ALA K 211 -27.35 5.81 22.99
C ALA K 211 -26.18 6.02 23.94
N ASP K 212 -25.20 6.79 23.46
CA ASP K 212 -24.00 7.09 24.26
C ASP K 212 -24.33 8.08 25.36
N GLY K 213 -24.11 7.68 26.61
CA GLY K 213 -24.38 8.52 27.75
C GLY K 213 -25.77 8.40 28.33
N VAL K 214 -26.66 7.70 27.66
CA VAL K 214 -28.02 7.51 28.17
C VAL K 214 -28.01 6.41 29.23
N PRO K 215 -28.59 6.64 30.41
CA PRO K 215 -28.58 5.60 31.44
C PRO K 215 -29.46 4.41 31.07
N SER K 216 -29.24 3.30 31.78
CA SER K 216 -29.94 2.05 31.46
C SER K 216 -31.37 1.99 32.00
N ARG K 217 -31.88 3.08 32.57
CA ARG K 217 -33.28 3.11 32.97
C ARG K 217 -34.20 3.06 31.75
N PHE K 218 -33.83 3.75 30.68
CA PHE K 218 -34.60 3.67 29.44
C PHE K 218 -34.35 2.33 28.76
N SER K 219 -35.42 1.75 28.20
CA SER K 219 -35.29 0.46 27.54
C SER K 219 -36.26 0.40 26.37
N GLY K 220 -35.74 0.23 25.17
CA GLY K 220 -36.56 0.05 23.99
C GLY K 220 -36.82 -1.42 23.73
N SER K 221 -37.96 -1.70 23.11
CA SER K 221 -38.34 -3.07 22.80
C SER K 221 -39.26 -3.05 21.59
N GLY K 222 -39.41 -4.22 20.97
CA GLY K 222 -40.29 -4.38 19.83
C GLY K 222 -39.54 -4.37 18.51
N SER K 223 -40.27 -4.75 17.47
CA SER K 223 -39.73 -4.88 16.12
C SER K 223 -40.89 -4.98 15.15
N GLY K 224 -40.59 -4.82 13.87
CA GLY K 224 -41.61 -4.92 12.85
C GLY K 224 -42.48 -3.68 12.80
N GLN K 225 -43.71 -3.79 13.29
CA GLN K 225 -44.61 -2.66 13.35
C GLN K 225 -44.93 -2.20 14.76
N ASP K 226 -44.60 -2.98 15.79
CA ASP K 226 -44.90 -2.64 17.17
C ASP K 226 -43.61 -2.36 17.93
N PHE K 227 -43.54 -1.18 18.54
CA PHE K 227 -42.37 -0.72 19.28
C PHE K 227 -42.83 -0.11 20.60
N SER K 228 -41.91 -0.06 21.56
CA SER K 228 -42.23 0.47 22.87
C SER K 228 -40.97 1.01 23.54
N LEU K 229 -41.14 2.10 24.29
CA LEU K 229 -40.09 2.68 25.11
C LEU K 229 -40.54 2.64 26.57
N THR K 230 -39.66 2.17 27.45
CA THR K 230 -39.99 2.02 28.85
C THR K 230 -39.02 2.84 29.69
N ILE K 231 -39.58 3.71 30.54
CA ILE K 231 -38.84 4.41 31.57
C ILE K 231 -39.03 3.66 32.88
N ASN K 232 -37.91 3.24 33.48
CA ASN K 232 -37.94 2.32 34.60
C ASN K 232 -38.33 3.02 35.89
N ASN K 233 -37.53 4.00 36.32
CA ASN K 233 -37.82 4.80 37.50
C ASN K 233 -37.64 6.26 37.13
N LEU K 234 -38.48 7.13 37.69
CA LEU K 234 -38.56 8.49 37.22
C LEU K 234 -37.65 9.42 38.02
N GLU K 235 -37.25 10.51 37.37
CA GLU K 235 -36.57 11.61 38.03
C GLU K 235 -37.30 12.89 37.69
N SER K 236 -36.80 14.01 38.21
CA SER K 236 -37.34 15.31 37.82
C SER K 236 -36.83 15.75 36.46
N ASP K 237 -35.78 15.10 35.95
CA ASP K 237 -35.25 15.44 34.63
C ASP K 237 -36.18 14.97 33.52
N ASP K 238 -36.96 13.93 33.77
CA ASP K 238 -37.73 13.25 32.73
C ASP K 238 -38.98 14.00 32.29
N THR K 239 -39.22 15.23 32.76
CA THR K 239 -40.30 16.06 32.25
C THR K 239 -39.92 16.53 30.85
N ALA K 240 -40.44 15.84 29.84
CA ALA K 240 -40.01 16.08 28.46
C ALA K 240 -41.05 15.54 27.51
N THR K 241 -40.81 15.77 26.21
CA THR K 241 -41.63 15.21 25.15
C THR K 241 -40.84 14.14 24.42
N TYR K 242 -41.44 12.97 24.25
CA TYR K 242 -40.78 11.80 23.70
C TYR K 242 -41.32 11.50 22.30
N TYR K 243 -40.40 11.31 21.36
CA TYR K 243 -40.73 11.06 19.96
C TYR K 243 -40.07 9.78 19.50
N CYS K 244 -40.64 9.17 18.46
CA CYS K 244 -40.06 8.01 17.80
C CYS K 244 -39.95 8.31 16.31
N LEU K 245 -38.77 8.04 15.75
CA LEU K 245 -38.47 8.31 14.35
C LEU K 245 -38.12 7.01 13.65
N GLN K 246 -38.71 6.79 12.48
CA GLN K 246 -38.35 5.65 11.64
C GLN K 246 -37.42 6.12 10.52
N HIS K 247 -36.43 5.30 10.20
CA HIS K 247 -35.56 5.56 9.06
C HIS K 247 -35.30 4.27 8.31
N GLY K 248 -36.33 3.44 8.17
CA GLY K 248 -36.23 2.22 7.41
C GLY K 248 -36.58 2.40 5.96
N GLU K 249 -37.29 3.48 5.64
CA GLU K 249 -37.66 3.82 4.27
C GLU K 249 -37.18 5.23 3.94
N SER K 250 -37.32 5.59 2.67
CA SER K 250 -36.75 6.85 2.18
C SER K 250 -37.37 8.12 2.78
N PRO K 251 -38.71 8.27 2.99
CA PRO K 251 -39.14 9.41 3.80
C PRO K 251 -39.12 9.10 5.29
N TYR K 252 -38.31 9.82 6.05
CA TYR K 252 -38.20 9.59 7.48
C TYR K 252 -39.37 10.28 8.17
N THR K 253 -40.04 9.58 9.08
CA THR K 253 -41.21 10.11 9.74
C THR K 253 -41.03 10.05 11.26
N PHE K 254 -41.34 11.16 11.92
CA PHE K 254 -41.33 11.22 13.38
C PHE K 254 -42.70 10.83 13.92
N GLY K 255 -42.76 10.62 15.23
CA GLY K 255 -44.01 10.35 15.90
C GLY K 255 -44.69 11.61 16.38
N SER K 256 -45.89 11.44 16.93
CA SER K 256 -46.65 12.58 17.44
C SER K 256 -46.04 13.13 18.72
N GLY K 257 -45.54 12.25 19.59
CA GLY K 257 -44.87 12.69 20.80
C GLY K 257 -45.76 12.60 22.02
N THR K 258 -45.14 12.27 23.15
CA THR K 258 -45.83 12.18 24.44
C THR K 258 -45.24 13.21 25.38
N LYS K 259 -46.10 13.95 26.08
CA LYS K 259 -45.68 14.89 27.10
C LYS K 259 -45.70 14.19 28.44
N LEU K 260 -44.54 14.09 29.10
CA LEU K 260 -44.42 13.41 30.38
C LEU K 260 -43.92 14.40 31.41
N GLU K 261 -44.75 14.69 32.41
CA GLU K 261 -44.40 15.60 33.49
C GLU K 261 -44.61 14.89 34.82
N ILE K 262 -43.69 15.15 35.75
CA ILE K 262 -43.62 14.46 37.02
C ILE K 262 -43.87 15.47 38.14
N LYS K 263 -44.84 15.16 39.00
CA LYS K 263 -45.29 15.94 40.17
C LYS K 263 -45.45 17.44 39.93
N GLU L 21 17.84 -12.60 -25.49
CA GLU L 21 16.83 -11.71 -24.92
C GLU L 21 17.43 -10.34 -24.61
N VAL L 22 18.56 -10.34 -23.90
CA VAL L 22 19.23 -9.10 -23.52
C VAL L 22 20.22 -8.73 -24.63
N GLN L 23 20.06 -7.54 -25.18
CA GLN L 23 20.92 -7.04 -26.24
C GLN L 23 21.53 -5.71 -25.84
N LEU L 24 22.78 -5.50 -26.21
CA LEU L 24 23.49 -4.25 -25.97
C LEU L 24 23.95 -3.74 -27.33
N GLN L 25 23.07 -2.99 -28.00
CA GLN L 25 23.38 -2.48 -29.33
C GLN L 25 24.39 -1.34 -29.26
N GLN L 26 25.27 -1.28 -30.25
CA GLN L 26 26.29 -0.25 -30.33
C GLN L 26 26.40 0.23 -31.77
N SER L 27 27.33 1.16 -32.00
CA SER L 27 27.53 1.74 -33.32
C SER L 27 28.70 1.03 -34.02
N GLY L 28 29.03 1.52 -35.21
CA GLY L 28 30.11 0.97 -35.98
C GLY L 28 31.45 1.56 -35.60
N PRO L 29 32.47 1.30 -36.45
CA PRO L 29 33.82 1.82 -36.25
C PRO L 29 33.87 3.31 -36.59
N GLU L 30 34.49 4.10 -35.71
CA GLU L 30 34.60 5.54 -35.91
C GLU L 30 36.05 5.97 -36.12
N LEU L 31 36.32 6.52 -37.30
CA LEU L 31 37.65 6.99 -37.68
C LEU L 31 37.56 8.42 -37.16
N VAL L 32 38.54 8.84 -36.35
CA VAL L 32 38.47 10.17 -35.74
C VAL L 32 39.85 10.81 -35.78
N GLU L 33 39.90 12.05 -36.26
CA GLU L 33 41.11 12.86 -36.23
C GLU L 33 41.36 13.35 -34.80
N PRO L 34 42.63 13.48 -34.39
CA PRO L 34 42.92 13.92 -33.02
C PRO L 34 42.49 15.35 -32.75
N GLY L 35 42.05 15.60 -31.51
CA GLY L 35 41.66 16.91 -31.05
C GLY L 35 40.18 17.03 -30.71
N THR L 36 39.31 16.36 -31.46
CA THR L 36 37.88 16.49 -31.28
C THR L 36 37.40 15.44 -30.28
N SER L 37 36.08 15.30 -30.13
CA SER L 37 35.49 14.32 -29.22
C SER L 37 34.73 13.27 -30.02
N VAL L 38 34.47 12.14 -29.39
CA VAL L 38 33.74 11.04 -30.01
C VAL L 38 32.67 10.53 -29.05
N LYS L 39 31.54 10.11 -29.61
CA LYS L 39 30.37 9.64 -28.88
C LYS L 39 30.14 8.17 -29.20
N MET L 40 29.87 7.37 -28.17
CA MET L 40 29.52 5.97 -28.35
C MET L 40 28.23 5.65 -27.61
N PRO L 41 27.21 5.12 -28.28
CA PRO L 41 25.99 4.71 -27.60
C PRO L 41 25.96 3.23 -27.22
N CYS L 42 25.13 2.93 -26.23
CA CYS L 42 24.92 1.57 -25.72
C CYS L 42 23.43 1.30 -25.54
N LYS L 43 22.68 1.47 -26.63
CA LYS L 43 21.24 1.19 -26.64
C LYS L 43 20.93 -0.22 -26.17
N ALA L 44 20.18 -0.32 -25.08
CA ALA L 44 19.96 -1.55 -24.36
C ALA L 44 18.51 -2.00 -24.49
N SER L 45 18.31 -3.31 -24.66
CA SER L 45 16.96 -3.85 -24.80
C SER L 45 16.85 -5.27 -24.23
N GLY L 46 15.69 -5.59 -23.71
CA GLY L 46 15.43 -6.90 -23.14
C GLY L 46 15.40 -6.97 -21.63
N TYR L 47 15.57 -5.85 -20.93
CA TYR L 47 15.59 -5.86 -19.47
C TYR L 47 15.20 -4.49 -18.96
N THR L 48 14.93 -4.43 -17.66
CA THR L 48 14.65 -3.17 -16.99
C THR L 48 15.93 -2.34 -16.91
N PHE L 49 15.96 -1.23 -17.66
CA PHE L 49 17.20 -0.52 -17.92
C PHE L 49 17.75 0.16 -16.68
N THR L 50 16.89 0.63 -15.79
CA THR L 50 17.32 1.39 -14.63
C THR L 50 17.91 0.52 -13.51
N SER L 51 17.69 -0.79 -13.55
CA SER L 51 18.09 -1.67 -12.46
C SER L 51 19.51 -2.21 -12.60
N TYR L 52 20.20 -1.92 -13.70
CA TYR L 52 21.52 -2.46 -13.95
C TYR L 52 22.47 -1.35 -14.37
N THR L 53 23.66 -1.34 -13.79
CA THR L 53 24.71 -0.44 -14.22
C THR L 53 25.20 -0.82 -15.62
N ILE L 54 25.63 0.18 -16.37
CA ILE L 54 26.31 -0.02 -17.63
C ILE L 54 27.76 0.36 -17.44
N GLN L 55 28.65 -0.60 -17.64
CA GLN L 55 30.09 -0.38 -17.48
C GLN L 55 30.80 -0.37 -18.83
N TRP L 56 31.79 0.52 -18.95
CA TRP L 56 32.55 0.65 -20.17
C TRP L 56 33.98 0.23 -19.89
N VAL L 57 34.50 -0.66 -20.76
CA VAL L 57 35.89 -1.09 -20.78
C VAL L 57 36.44 -0.82 -22.18
N LYS L 58 37.76 -0.79 -22.28
CA LYS L 58 38.44 -0.65 -23.56
C LYS L 58 39.46 -1.76 -23.72
N GLN L 59 39.76 -2.10 -24.97
CA GLN L 59 40.67 -3.17 -25.30
C GLN L 59 41.64 -2.70 -26.37
N THR L 60 42.93 -2.89 -26.11
CA THR L 60 44.02 -2.59 -27.03
C THR L 60 44.90 -3.83 -27.17
N PRO L 61 45.54 -4.01 -28.33
CA PRO L 61 46.62 -4.99 -28.42
C PRO L 61 47.76 -4.80 -27.43
N ARG L 62 48.06 -3.55 -27.07
CA ARG L 62 49.23 -3.27 -26.24
C ARG L 62 49.06 -3.74 -24.80
N GLN L 63 47.92 -3.40 -24.18
CA GLN L 63 47.73 -3.67 -22.76
C GLN L 63 46.47 -4.44 -22.44
N GLY L 64 45.74 -4.91 -23.45
CA GLY L 64 44.58 -5.75 -23.18
C GLY L 64 43.38 -4.97 -22.65
N LEU L 65 42.50 -5.70 -21.98
CA LEU L 65 41.29 -5.11 -21.42
C LEU L 65 41.61 -4.29 -20.19
N GLU L 66 40.94 -3.15 -20.05
CA GLU L 66 41.00 -2.36 -18.84
C GLU L 66 39.67 -1.65 -18.65
N TRP L 67 39.25 -1.53 -17.40
CA TRP L 67 37.94 -0.98 -17.05
C TRP L 67 38.01 0.54 -17.05
N ILE L 68 37.10 1.18 -17.77
CA ILE L 68 37.06 2.64 -17.82
C ILE L 68 36.13 3.20 -16.74
N GLY L 69 34.88 2.76 -16.70
CA GLY L 69 33.98 3.29 -15.70
C GLY L 69 32.60 2.69 -15.78
N TYR L 70 31.65 3.27 -15.05
CA TYR L 70 30.27 2.84 -15.15
C TYR L 70 29.33 3.99 -14.82
N ILE L 71 28.07 3.81 -15.24
CA ILE L 71 26.99 4.75 -14.99
C ILE L 71 25.70 3.99 -14.61
N TYR L 72 25.18 4.28 -13.41
CA TYR L 72 23.99 3.66 -12.88
C TYR L 72 22.79 4.51 -13.26
N PRO L 73 21.90 4.02 -14.14
CA PRO L 73 20.77 4.84 -14.58
C PRO L 73 19.66 5.01 -13.54
N TYR L 74 19.72 4.31 -12.41
CA TYR L 74 18.73 4.50 -11.35
C TYR L 74 18.86 5.88 -10.73
N ASN L 75 20.09 6.33 -10.49
CA ASN L 75 20.34 7.66 -9.98
C ASN L 75 21.33 8.43 -10.83
N ALA L 76 21.67 7.90 -12.01
CA ALA L 76 22.69 8.44 -12.92
C ALA L 76 24.04 8.60 -12.21
N GLY L 77 24.40 7.60 -11.41
CA GLY L 77 25.61 7.67 -10.60
C GLY L 77 26.79 7.11 -11.35
N THR L 78 27.80 7.96 -11.56
CA THR L 78 29.00 7.58 -12.28
C THR L 78 30.11 7.16 -11.34
N LYS L 79 31.00 6.31 -11.85
CA LYS L 79 32.28 6.07 -11.20
C LYS L 79 33.30 5.72 -12.28
N TYR L 80 34.41 6.45 -12.29
CA TYR L 80 35.41 6.31 -13.34
C TYR L 80 36.70 5.71 -12.77
N ASN L 81 37.52 5.19 -13.67
CA ASN L 81 38.89 4.85 -13.32
C ASN L 81 39.69 6.12 -13.08
N GLU L 82 40.76 5.99 -12.29
CA GLU L 82 41.59 7.16 -11.97
C GLU L 82 42.36 7.65 -13.20
N LYS L 83 42.74 6.73 -14.08
CA LYS L 83 43.46 7.12 -15.29
C LYS L 83 42.55 7.53 -16.43
N PHE L 84 41.24 7.45 -16.25
CA PHE L 84 40.29 7.85 -17.29
C PHE L 84 39.42 9.02 -16.85
N LYS L 85 39.71 9.66 -15.73
CA LYS L 85 38.94 10.81 -15.29
C LYS L 85 39.30 12.03 -16.12
N GLY L 86 38.29 12.66 -16.72
CA GLY L 86 38.52 13.77 -17.62
C GLY L 86 38.61 13.34 -19.07
N LYS L 87 39.28 12.20 -19.29
CA LYS L 87 39.36 11.63 -20.63
C LYS L 87 38.02 11.11 -21.11
N ALA L 88 37.23 10.54 -20.20
CA ALA L 88 35.96 9.92 -20.53
C ALA L 88 34.87 10.41 -19.60
N THR L 89 33.73 10.79 -20.19
CA THR L 89 32.55 11.15 -19.41
C THR L 89 31.39 10.27 -19.84
N LEU L 90 30.46 10.03 -18.92
CA LEU L 90 29.37 9.09 -19.12
C LEU L 90 28.04 9.76 -18.82
N THR L 91 27.07 9.60 -19.73
CA THR L 91 25.73 10.13 -19.54
C THR L 91 24.72 9.05 -19.87
N SER L 92 23.49 9.25 -19.43
CA SER L 92 22.42 8.29 -19.66
C SER L 92 21.16 9.02 -20.12
N ASP L 93 20.41 8.36 -21.01
CA ASP L 93 19.11 8.85 -21.47
C ASP L 93 18.12 7.75 -21.15
N LYS L 94 17.25 8.01 -20.17
CA LYS L 94 16.31 7.01 -19.68
C LYS L 94 15.15 6.79 -20.63
N SER L 95 14.77 7.82 -21.40
CA SER L 95 13.63 7.70 -22.30
C SER L 95 13.94 6.79 -23.49
N SER L 96 15.15 6.92 -24.05
CA SER L 96 15.56 6.09 -25.16
C SER L 96 16.27 4.82 -24.72
N SER L 97 16.44 4.62 -23.41
CA SER L 97 17.15 3.49 -22.81
C SER L 97 18.56 3.35 -23.36
N THR L 98 19.30 4.47 -23.35
CA THR L 98 20.61 4.51 -23.97
C THR L 98 21.62 5.07 -22.98
N VAL L 99 22.87 4.64 -23.13
CA VAL L 99 23.98 5.15 -22.33
C VAL L 99 25.02 5.68 -23.31
N TYR L 100 25.43 6.93 -23.13
CA TYR L 100 26.35 7.59 -24.04
C TYR L 100 27.69 7.80 -23.36
N MET L 101 28.77 7.59 -24.12
CA MET L 101 30.13 7.81 -23.68
C MET L 101 30.76 8.89 -24.54
N GLU L 102 31.38 9.87 -23.88
CA GLU L 102 32.15 10.92 -24.55
C GLU L 102 33.63 10.69 -24.26
N LEU L 103 34.44 10.62 -25.31
CA LEU L 103 35.89 10.70 -25.17
C LEU L 103 36.35 12.02 -25.80
N SER L 104 37.09 12.81 -25.04
CA SER L 104 37.58 14.09 -25.50
C SER L 104 39.10 14.07 -25.57
N SER L 105 39.63 14.82 -26.54
CA SER L 105 41.08 14.95 -26.80
C SER L 105 41.72 13.58 -27.06
N LEU L 106 41.30 12.97 -28.16
CA LEU L 106 41.81 11.65 -28.55
C LEU L 106 43.26 11.76 -28.98
N THR L 107 44.16 11.15 -28.22
CA THR L 107 45.57 11.12 -28.55
C THR L 107 45.85 9.94 -29.48
N SER L 108 47.13 9.64 -29.70
CA SER L 108 47.51 8.60 -30.65
C SER L 108 47.20 7.21 -30.10
N GLU L 109 47.33 7.02 -28.78
CA GLU L 109 47.08 5.72 -28.17
C GLU L 109 45.64 5.60 -27.69
N ASP L 110 44.69 5.89 -28.59
CA ASP L 110 43.28 5.78 -28.29
C ASP L 110 42.52 4.93 -29.30
N SER L 111 43.20 4.36 -30.29
CA SER L 111 42.58 3.41 -31.20
C SER L 111 42.35 2.10 -30.46
N ALA L 112 41.09 1.81 -30.16
CA ALA L 112 40.77 0.70 -29.27
C ALA L 112 39.37 0.20 -29.57
N VAL L 113 39.06 -1.00 -29.06
CA VAL L 113 37.71 -1.53 -29.11
C VAL L 113 37.05 -1.21 -27.78
N TYR L 114 35.97 -0.45 -27.82
CA TYR L 114 35.28 0.01 -26.62
C TYR L 114 34.01 -0.82 -26.43
N TYR L 115 33.91 -1.46 -25.27
CA TYR L 115 32.80 -2.34 -24.94
C TYR L 115 31.98 -1.74 -23.81
N CYS L 116 30.66 -1.88 -23.92
CA CYS L 116 29.75 -1.61 -22.83
C CYS L 116 29.16 -2.94 -22.36
N ALA L 117 28.99 -3.08 -21.06
CA ALA L 117 28.61 -4.33 -20.44
C ALA L 117 27.58 -4.07 -19.36
N ARG L 118 26.49 -4.83 -19.39
CA ARG L 118 25.53 -4.81 -18.31
C ARG L 118 26.14 -5.44 -17.06
N LYS L 119 25.83 -4.87 -15.90
CA LYS L 119 26.24 -5.47 -14.64
C LYS L 119 25.26 -5.03 -13.57
N SER L 120 24.75 -5.97 -12.78
CA SER L 120 23.77 -5.63 -11.76
C SER L 120 24.43 -4.85 -10.63
N SER L 121 23.61 -4.15 -9.86
CA SER L 121 24.10 -3.38 -8.72
C SER L 121 24.52 -4.26 -7.56
N ARG L 122 24.18 -5.55 -7.59
CA ARG L 122 24.65 -6.49 -6.60
C ARG L 122 26.15 -6.69 -6.74
N LEU L 123 26.83 -6.82 -5.61
CA LEU L 123 28.29 -6.89 -5.60
C LEU L 123 28.77 -8.22 -6.15
N ARG L 124 27.98 -9.27 -5.99
CA ARG L 124 28.34 -10.60 -6.50
C ARG L 124 28.30 -10.65 -8.02
N SER L 125 27.37 -9.92 -8.62
CA SER L 125 27.16 -9.94 -10.06
C SER L 125 28.34 -9.31 -10.81
N THR L 126 28.45 -9.67 -12.09
CA THR L 126 29.57 -9.23 -12.91
C THR L 126 29.08 -8.74 -14.27
N LEU L 127 30.01 -8.48 -15.18
CA LEU L 127 29.69 -8.03 -16.54
C LEU L 127 29.17 -9.22 -17.33
N ASP L 128 27.88 -9.51 -17.14
CA ASP L 128 27.33 -10.76 -17.70
C ASP L 128 27.12 -10.65 -19.21
N TYR L 129 26.63 -9.51 -19.68
CA TYR L 129 26.33 -9.32 -21.09
C TYR L 129 27.11 -8.12 -21.62
N TRP L 130 27.60 -8.22 -22.84
CA TRP L 130 28.50 -7.23 -23.41
C TRP L 130 27.94 -6.69 -24.71
N GLY L 131 28.42 -5.51 -25.09
CA GLY L 131 28.12 -4.96 -26.39
C GLY L 131 29.06 -5.49 -27.46
N GLN L 132 28.78 -5.10 -28.70
CA GLN L 132 29.56 -5.63 -29.82
C GLN L 132 30.96 -5.03 -29.89
N GLY L 133 31.14 -3.81 -29.40
CA GLY L 133 32.45 -3.19 -29.40
C GLY L 133 32.66 -2.22 -30.53
N THR L 134 32.74 -0.93 -30.23
CA THR L 134 32.99 0.10 -31.24
C THR L 134 34.49 0.26 -31.43
N SER L 135 34.96 0.15 -32.66
CA SER L 135 36.37 0.29 -32.97
C SER L 135 36.66 1.75 -33.29
N VAL L 136 37.42 2.40 -32.42
CA VAL L 136 37.78 3.81 -32.60
C VAL L 136 39.22 3.84 -33.11
N THR L 137 39.43 4.47 -34.26
CA THR L 137 40.73 4.51 -34.91
C THR L 137 41.16 5.97 -35.05
N VAL L 138 42.34 6.29 -34.51
CA VAL L 138 42.88 7.64 -34.52
C VAL L 138 43.95 7.72 -35.60
N SER L 139 43.83 8.71 -36.49
CA SER L 139 44.83 8.96 -37.52
C SER L 139 46.12 9.49 -36.90
N ASP L 157 45.71 -0.11 -6.62
CA ASP L 157 45.34 -0.96 -7.74
C ASP L 157 45.81 -2.39 -7.53
N ILE L 158 44.96 -3.35 -7.91
CA ILE L 158 45.25 -4.76 -7.75
C ILE L 158 45.84 -5.28 -9.06
N LYS L 159 47.08 -5.78 -9.00
CA LYS L 159 47.74 -6.32 -10.17
C LYS L 159 47.31 -7.77 -10.37
N MET L 160 46.89 -8.09 -11.59
CA MET L 160 46.48 -9.44 -11.97
C MET L 160 47.67 -10.17 -12.56
N THR L 161 48.01 -11.31 -11.97
CA THR L 161 49.10 -12.14 -12.45
C THR L 161 48.53 -13.46 -12.94
N GLN L 162 48.62 -13.70 -14.25
CA GLN L 162 48.27 -14.98 -14.85
C GLN L 162 49.56 -15.67 -15.25
N SER L 163 49.85 -16.82 -14.63
CA SER L 163 51.08 -17.55 -14.95
C SER L 163 51.15 -18.09 -16.38
N PRO L 164 50.12 -18.78 -16.97
CA PRO L 164 50.30 -19.17 -18.37
C PRO L 164 49.88 -18.08 -19.34
N SER L 165 50.83 -17.58 -20.13
CA SER L 165 50.51 -16.60 -21.15
C SER L 165 49.82 -17.27 -22.34
N SER L 166 50.26 -18.45 -22.71
CA SER L 166 49.66 -19.21 -23.79
C SER L 166 49.95 -20.70 -23.57
N MET L 167 49.04 -21.53 -24.06
CA MET L 167 49.21 -22.98 -23.92
C MET L 167 48.48 -23.68 -25.06
N HIS L 168 48.91 -24.92 -25.32
CA HIS L 168 48.30 -25.77 -26.33
C HIS L 168 47.69 -26.99 -25.64
N ALA L 169 46.60 -27.50 -26.20
CA ALA L 169 45.91 -28.64 -25.63
C ALA L 169 45.35 -29.50 -26.75
N SER L 170 45.10 -30.77 -26.42
CA SER L 170 44.49 -31.71 -27.36
C SER L 170 42.97 -31.59 -27.26
N LEU L 171 42.25 -32.53 -27.84
CA LEU L 171 40.80 -32.46 -27.94
C LEU L 171 40.09 -33.00 -26.71
N GLY L 172 40.79 -33.54 -25.72
CA GLY L 172 40.10 -34.12 -24.59
C GLY L 172 40.75 -33.99 -23.22
N GLU L 173 41.82 -33.21 -23.10
CA GLU L 173 42.54 -33.15 -21.83
C GLU L 173 41.98 -32.03 -20.95
N ARG L 174 42.65 -31.78 -19.83
CA ARG L 174 42.21 -30.83 -18.82
C ARG L 174 43.16 -29.64 -18.79
N VAL L 175 42.60 -28.43 -18.76
CA VAL L 175 43.40 -27.21 -18.75
C VAL L 175 43.13 -26.46 -17.46
N THR L 176 44.19 -25.92 -16.85
CA THR L 176 44.09 -25.15 -15.62
C THR L 176 44.79 -23.81 -15.82
N ILE L 177 44.09 -22.73 -15.48
CA ILE L 177 44.57 -21.37 -15.67
C ILE L 177 44.56 -20.68 -14.30
N THR L 178 45.69 -20.10 -13.91
CA THR L 178 45.87 -19.53 -12.58
C THR L 178 45.80 -18.01 -12.67
N CYS L 179 45.13 -17.38 -11.69
CA CYS L 179 44.90 -15.94 -11.61
C CYS L 179 45.21 -15.43 -10.21
N LYS L 180 46.42 -15.70 -9.73
CA LYS L 180 46.88 -15.13 -8.47
C LYS L 180 46.87 -13.61 -8.52
N ALA L 181 46.25 -13.00 -7.51
CA ALA L 181 46.04 -11.57 -7.46
C ALA L 181 46.98 -10.91 -6.45
N SER L 182 47.01 -9.58 -6.48
CA SER L 182 47.91 -8.83 -5.61
C SER L 182 47.34 -8.72 -4.20
N GLN L 183 46.16 -8.13 -4.07
CA GLN L 183 45.53 -7.92 -2.76
C GLN L 183 44.46 -8.98 -2.54
N ASP L 184 43.71 -8.84 -1.44
CA ASP L 184 42.68 -9.81 -1.06
C ASP L 184 41.35 -9.36 -1.66
N ILE L 185 40.74 -10.25 -2.44
CA ILE L 185 39.38 -10.07 -2.93
C ILE L 185 38.55 -11.25 -2.43
N ARG L 186 37.42 -10.94 -1.79
CA ARG L 186 36.60 -11.97 -1.16
C ARG L 186 35.70 -12.60 -2.21
N SER L 187 36.30 -13.49 -3.01
CA SER L 187 35.66 -14.28 -4.06
C SER L 187 35.01 -13.44 -5.16
N TYR L 188 35.44 -12.19 -5.33
CA TYR L 188 34.84 -11.30 -6.33
C TYR L 188 35.69 -11.32 -7.60
N LEU L 189 35.76 -12.51 -8.21
CA LEU L 189 36.52 -12.72 -9.42
C LEU L 189 35.61 -13.35 -10.48
N SER L 190 35.85 -12.98 -11.74
CA SER L 190 35.06 -13.48 -12.85
C SER L 190 35.98 -13.93 -13.98
N TRP L 191 35.52 -14.94 -14.70
CA TRP L 191 36.27 -15.52 -15.83
C TRP L 191 35.47 -15.32 -17.11
N TYR L 192 36.16 -14.81 -18.13
CA TYR L 192 35.59 -14.44 -19.41
C TYR L 192 36.34 -15.15 -20.53
N GLN L 193 35.60 -15.54 -21.57
CA GLN L 193 36.16 -16.14 -22.77
C GLN L 193 35.90 -15.20 -23.95
N GLN L 194 36.93 -14.91 -24.73
CA GLN L 194 36.82 -14.01 -25.86
C GLN L 194 37.34 -14.69 -27.12
N LYS L 195 36.47 -14.84 -28.11
CA LYS L 195 36.88 -15.24 -29.43
C LYS L 195 37.60 -14.09 -30.11
N PRO L 196 38.45 -14.37 -31.10
CA PRO L 196 39.05 -13.29 -31.89
C PRO L 196 37.98 -12.53 -32.69
N TRP L 197 38.08 -11.19 -32.63
CA TRP L 197 37.13 -10.25 -33.24
C TRP L 197 35.70 -10.50 -32.78
N LYS L 198 35.54 -10.77 -31.48
CA LYS L 198 34.22 -10.99 -30.89
C LYS L 198 34.23 -10.44 -29.48
N SER L 199 33.03 -10.18 -28.97
CA SER L 199 32.88 -9.70 -27.60
C SER L 199 33.19 -10.81 -26.60
N PRO L 200 33.72 -10.47 -25.43
CA PRO L 200 33.97 -11.50 -24.40
C PRO L 200 32.69 -12.11 -23.88
N LYS L 201 32.75 -13.40 -23.57
CA LYS L 201 31.61 -14.16 -23.07
C LYS L 201 31.88 -14.54 -21.62
N THR L 202 30.92 -14.24 -20.74
CA THR L 202 31.07 -14.55 -19.33
C THR L 202 30.97 -16.05 -19.09
N LEU L 203 31.94 -16.60 -18.37
CA LEU L 203 31.92 -17.99 -17.97
C LEU L 203 31.67 -18.17 -16.48
N ILE L 204 32.46 -17.53 -15.63
CA ILE L 204 32.41 -17.76 -14.19
C ILE L 204 32.17 -16.44 -13.48
N TYR L 205 31.19 -16.40 -12.58
CA TYR L 205 31.02 -15.27 -11.68
C TYR L 205 31.12 -15.76 -10.24
N TYR L 206 31.53 -14.85 -9.36
CA TYR L 206 31.77 -15.10 -7.92
C TYR L 206 32.80 -16.19 -7.68
N ALA L 207 33.73 -16.37 -8.64
CA ALA L 207 34.91 -17.25 -8.63
C ALA L 207 34.59 -18.73 -8.68
N THR L 208 33.32 -19.11 -8.52
CA THR L 208 32.91 -20.51 -8.60
C THR L 208 31.62 -20.75 -9.37
N SER L 209 30.73 -19.77 -9.49
CA SER L 209 29.41 -20.02 -10.06
C SER L 209 29.44 -19.95 -11.58
N LEU L 210 28.66 -20.83 -12.21
CA LEU L 210 28.54 -20.84 -13.65
C LEU L 210 27.62 -19.72 -14.12
N ALA L 211 27.94 -19.15 -15.27
CA ALA L 211 27.07 -18.15 -15.89
C ALA L 211 25.91 -18.85 -16.60
N ASP L 212 24.98 -18.05 -17.12
CA ASP L 212 23.80 -18.59 -17.78
C ASP L 212 24.17 -19.14 -19.15
N GLY L 213 23.84 -20.40 -19.39
CA GLY L 213 24.13 -21.06 -20.65
C GLY L 213 25.50 -21.69 -20.74
N VAL L 214 26.36 -21.47 -19.75
CA VAL L 214 27.70 -22.06 -19.77
C VAL L 214 27.61 -23.51 -19.30
N PRO L 215 28.16 -24.46 -20.05
CA PRO L 215 28.11 -25.86 -19.62
C PRO L 215 29.03 -26.13 -18.43
N SER L 216 28.92 -27.36 -17.91
CA SER L 216 29.63 -27.73 -16.70
C SER L 216 31.08 -28.14 -16.95
N ARG L 217 31.57 -28.02 -18.18
CA ARG L 217 33.00 -28.27 -18.44
C ARG L 217 33.88 -27.25 -17.74
N PHE L 218 33.49 -25.98 -17.77
CA PHE L 218 34.23 -24.93 -17.10
C PHE L 218 33.91 -24.93 -15.61
N SER L 219 34.96 -24.81 -14.80
CA SER L 219 34.80 -24.84 -13.35
C SER L 219 35.76 -23.84 -12.73
N GLY L 220 35.22 -22.88 -11.99
CA GLY L 220 36.05 -21.95 -11.25
C GLY L 220 36.32 -22.45 -9.84
N SER L 221 37.48 -22.10 -9.32
CA SER L 221 37.86 -22.51 -7.98
C SER L 221 38.80 -21.46 -7.39
N GLY L 222 38.94 -21.51 -6.06
CA GLY L 222 39.84 -20.62 -5.36
C GLY L 222 39.11 -19.49 -4.67
N SER L 223 39.85 -18.80 -3.81
CA SER L 223 39.31 -17.74 -2.96
C SER L 223 40.47 -16.96 -2.36
N GLY L 224 40.18 -15.72 -1.99
CA GLY L 224 41.20 -14.88 -1.38
C GLY L 224 42.08 -14.23 -2.41
N GLN L 225 43.28 -14.78 -2.62
CA GLN L 225 44.18 -14.31 -3.65
C GLN L 225 44.44 -15.31 -4.76
N ASP L 226 44.25 -16.60 -4.50
CA ASP L 226 44.53 -17.65 -5.48
C ASP L 226 43.22 -18.10 -6.11
N PHE L 227 43.15 -18.03 -7.44
CA PHE L 227 41.98 -18.42 -8.20
C PHE L 227 42.42 -19.23 -9.40
N SER L 228 41.52 -20.05 -9.93
CA SER L 228 41.85 -20.89 -11.07
C SER L 228 40.58 -21.23 -11.85
N LEU L 229 40.77 -21.41 -13.16
CA LEU L 229 39.72 -21.84 -14.08
C LEU L 229 40.14 -23.17 -14.69
N THR L 230 39.24 -24.15 -14.66
CA THR L 230 39.53 -25.50 -15.12
C THR L 230 38.57 -25.86 -16.26
N ILE L 231 39.15 -26.23 -17.40
CA ILE L 231 38.39 -26.76 -18.52
C ILE L 231 38.54 -28.27 -18.51
N ASN L 232 37.40 -28.97 -18.46
CA ASN L 232 37.40 -30.42 -18.21
C ASN L 232 37.78 -31.19 -19.46
N ASN L 233 36.96 -31.08 -20.51
CA ASN L 233 37.27 -31.68 -21.80
C ASN L 233 36.98 -30.64 -22.87
N LEU L 234 37.90 -30.48 -23.81
CA LEU L 234 37.80 -29.35 -24.72
C LEU L 234 37.05 -29.71 -26.00
N GLU L 235 36.67 -28.67 -26.72
CA GLU L 235 36.09 -28.79 -28.05
C GLU L 235 36.91 -27.94 -29.00
N SER L 236 36.38 -27.74 -30.20
CA SER L 236 37.03 -26.91 -31.21
C SER L 236 36.65 -25.45 -30.97
N ASP L 237 35.68 -25.20 -30.09
CA ASP L 237 35.24 -23.85 -29.78
C ASP L 237 35.93 -23.22 -28.58
N ASP L 238 36.89 -23.94 -27.99
CA ASP L 238 37.61 -23.42 -26.83
C ASP L 238 38.88 -22.68 -27.20
N THR L 239 39.16 -22.52 -28.50
CA THR L 239 40.31 -21.75 -28.96
C THR L 239 39.99 -20.27 -28.79
N ALA L 240 40.45 -19.69 -27.69
CA ALA L 240 40.00 -18.34 -27.31
C ALA L 240 40.98 -17.77 -26.29
N THR L 241 40.77 -16.50 -25.94
CA THR L 241 41.56 -15.83 -24.92
C THR L 241 40.73 -15.69 -23.66
N TYR L 242 41.30 -16.11 -22.53
CA TYR L 242 40.59 -16.17 -21.27
C TYR L 242 41.14 -15.10 -20.33
N TYR L 243 40.23 -14.36 -19.70
CA TYR L 243 40.56 -13.26 -18.81
C TYR L 243 39.91 -13.46 -17.45
N CYS L 244 40.55 -12.93 -16.41
CA CYS L 244 39.98 -12.89 -15.08
C CYS L 244 39.92 -11.44 -14.59
N LEU L 245 38.78 -11.06 -14.06
CA LEU L 245 38.49 -9.69 -13.65
C LEU L 245 38.06 -9.66 -12.19
N GLN L 246 38.63 -8.74 -11.41
CA GLN L 246 38.19 -8.53 -10.04
C GLN L 246 37.24 -7.34 -9.99
N HIS L 247 36.26 -7.40 -9.10
CA HIS L 247 35.44 -6.25 -8.77
C HIS L 247 35.22 -6.16 -7.28
N GLY L 248 36.27 -6.48 -6.51
CA GLY L 248 36.22 -6.30 -5.07
C GLY L 248 36.62 -4.91 -4.63
N GLU L 249 37.49 -4.26 -5.39
CA GLU L 249 37.95 -2.91 -5.07
C GLU L 249 37.26 -1.90 -6.00
N SER L 250 37.55 -0.62 -5.81
CA SER L 250 36.96 0.43 -6.63
C SER L 250 37.48 0.47 -8.07
N PRO L 251 38.82 0.40 -8.38
CA PRO L 251 39.18 0.21 -9.79
C PRO L 251 39.22 -1.26 -10.19
N TYR L 252 38.37 -1.64 -11.13
CA TYR L 252 38.32 -3.04 -11.56
C TYR L 252 39.46 -3.30 -12.52
N THR L 253 40.18 -4.40 -12.31
CA THR L 253 41.34 -4.75 -13.13
C THR L 253 41.11 -6.10 -13.78
N PHE L 254 41.41 -6.19 -15.07
CA PHE L 254 41.33 -7.43 -15.82
C PHE L 254 42.64 -8.20 -15.75
N GLY L 255 42.61 -9.43 -16.25
CA GLY L 255 43.80 -10.24 -16.30
C GLY L 255 44.68 -9.92 -17.49
N SER L 256 45.86 -10.55 -17.51
CA SER L 256 46.77 -10.38 -18.62
C SER L 256 46.29 -11.11 -19.86
N GLY L 257 45.51 -12.18 -19.68
CA GLY L 257 44.96 -12.91 -20.79
C GLY L 257 45.76 -14.15 -21.13
N THR L 258 45.08 -15.30 -21.24
CA THR L 258 45.72 -16.55 -21.60
C THR L 258 45.12 -17.03 -22.91
N LYS L 259 45.98 -17.26 -23.90
CA LYS L 259 45.55 -17.74 -25.20
C LYS L 259 45.54 -19.28 -25.22
N LEU L 260 44.41 -19.84 -25.60
CA LEU L 260 44.24 -21.29 -25.65
C LEU L 260 43.96 -21.70 -27.09
N GLU L 261 44.84 -22.54 -27.63
CA GLU L 261 44.81 -22.96 -29.03
C GLU L 261 44.69 -24.48 -29.02
N ILE L 262 43.81 -25.01 -29.88
CA ILE L 262 43.42 -26.41 -29.84
C ILE L 262 44.14 -27.16 -30.94
N LYS L 263 44.86 -28.22 -30.56
CA LYS L 263 45.63 -29.12 -31.44
C LYS L 263 46.64 -28.37 -32.33
#